data_3TSW
#
_entry.id   3TSW
#
_cell.length_a   100.634
_cell.length_b   100.634
_cell.length_c   182.516
_cell.angle_alpha   90.00
_cell.angle_beta   90.00
_cell.angle_gamma   120.00
#
_symmetry.space_group_name_H-M   'P 32'
#
loop_
_entity.id
_entity.type
_entity.pdbx_description
1 polymer 'Tight junction protein ZO-1'
2 non-polymer 'SULFATE ION'
3 water water
#
_entity_poly.entity_id   1
_entity_poly.type   'polypeptide(L)'
_entity_poly.pdbx_seq_one_letter_code
;GSHMILRPSMKLVKFRKGDSVGLRLAGGNDVGIFVAGVLEDSPAAKEGLEEGDQILRVNNVDFTNIIREEAVLFLLDLPK
GEEVTILAQKKKDVYRRIVESDVGDSFYIRTHFEYEKESPYGLSFNKGEVFRVVDTLYNGKLGSWLAIRIGKNHKEVERG
IIPNKNRAEQLASVQYTLPKTAGGDRADFWRFRGLRSSKRNLRKSREDLSAQPVQTKFPAYERVVLREAGFLRPVTIFGP
IADVAREKLAREEPDIYQIAKSEPRDAGTDQRSSGIIRLHTIKQIIDQDKHALLDVTPNAVDRLNYAQWYPIVVFLNPDS
KQGVKTMRMRLCPESRKSARKLYERSHKLRKNNHHLFTTTINLNSMNDGWYGALKEAIQQQQNQLVWVSEG
;
_entity_poly.pdbx_strand_id   A,B,C,D
#
loop_
_chem_comp.id
_chem_comp.type
_chem_comp.name
_chem_comp.formula
SO4 non-polymer 'SULFATE ION' 'O4 S -2'
#
# COMPACT_ATOMS: atom_id res chain seq x y z
N MET A 4 -0.40 -11.61 -28.96
CA MET A 4 -0.36 -12.81 -28.08
C MET A 4 -1.74 -13.46 -27.94
N ILE A 5 -1.95 -14.22 -26.86
CA ILE A 5 -3.20 -14.94 -26.56
C ILE A 5 -3.31 -15.12 -25.02
N LEU A 6 -4.44 -15.62 -24.54
CA LEU A 6 -4.59 -15.94 -23.11
C LEU A 6 -4.27 -17.39 -22.81
N ARG A 7 -3.96 -17.67 -21.55
CA ARG A 7 -3.54 -19.01 -21.15
C ARG A 7 -4.70 -20.00 -21.01
N PRO A 8 -4.45 -21.27 -21.33
CA PRO A 8 -5.50 -22.25 -21.14
C PRO A 8 -5.53 -22.74 -19.70
N SER A 9 -6.41 -23.70 -19.42
CA SER A 9 -6.49 -24.35 -18.13
C SER A 9 -5.19 -25.09 -17.77
N MET A 10 -5.02 -25.36 -16.48
CA MET A 10 -3.82 -26.01 -15.97
C MET A 10 -3.94 -27.52 -16.14
N LYS A 11 -3.00 -28.10 -16.87
CA LYS A 11 -2.95 -29.53 -17.16
C LYS A 11 -2.51 -30.32 -15.94
N LEU A 12 -3.01 -31.54 -15.83
CA LEU A 12 -2.48 -32.51 -14.87
C LEU A 12 -2.39 -33.85 -15.61
N VAL A 13 -1.31 -34.59 -15.39
CA VAL A 13 -0.85 -35.61 -16.33
C VAL A 13 -0.25 -36.85 -15.66
N LYS A 14 -0.56 -38.02 -16.23
CA LYS A 14 0.03 -39.30 -15.82
C LYS A 14 0.43 -40.11 -17.06
N PHE A 15 1.67 -40.59 -17.09
CA PHE A 15 2.20 -41.39 -18.22
C PHE A 15 3.43 -42.21 -17.78
N ARG A 16 3.58 -43.41 -18.34
CA ARG A 16 4.63 -44.32 -17.86
C ARG A 16 5.99 -44.00 -18.48
N LYS A 17 6.99 -43.75 -17.63
CA LYS A 17 8.34 -43.51 -18.09
C LYS A 17 8.96 -44.76 -18.73
N GLY A 18 9.34 -44.66 -20.01
CA GLY A 18 10.12 -45.70 -20.68
C GLY A 18 11.53 -45.78 -20.08
N ASP A 19 12.55 -45.74 -20.93
CA ASP A 19 13.93 -45.60 -20.45
C ASP A 19 14.38 -44.15 -20.60
N SER A 20 13.43 -43.32 -21.01
CA SER A 20 13.46 -41.88 -20.79
C SER A 20 12.02 -41.36 -20.81
N VAL A 21 11.77 -40.29 -20.07
CA VAL A 21 10.46 -39.64 -20.09
C VAL A 21 10.25 -39.00 -21.46
N GLY A 22 11.36 -38.73 -22.15
CA GLY A 22 11.32 -38.19 -23.50
C GLY A 22 11.03 -36.70 -23.47
N LEU A 23 11.86 -35.97 -22.74
CA LEU A 23 11.60 -34.58 -22.45
C LEU A 23 12.92 -33.86 -22.33
N ARG A 24 13.23 -33.02 -23.32
CA ARG A 24 14.34 -32.08 -23.21
C ARG A 24 13.75 -30.74 -22.77
N LEU A 25 14.48 -30.03 -21.91
CA LEU A 25 13.94 -28.82 -21.29
C LEU A 25 14.72 -27.53 -21.62
N ALA A 26 13.99 -26.43 -21.60
CA ALA A 26 14.54 -25.07 -21.56
C ALA A 26 14.09 -24.42 -20.25
N GLY A 27 14.71 -23.29 -19.90
CA GLY A 27 14.35 -22.59 -18.67
C GLY A 27 15.40 -22.65 -17.59
N GLY A 28 14.98 -22.34 -16.36
CA GLY A 28 15.88 -22.12 -15.21
C GLY A 28 15.02 -21.70 -14.03
N ASN A 29 15.61 -21.05 -13.03
CA ASN A 29 14.85 -20.72 -11.81
C ASN A 29 14.00 -19.47 -11.85
N ASP A 30 14.52 -18.41 -12.46
CA ASP A 30 13.82 -17.13 -12.55
C ASP A 30 12.63 -17.17 -13.55
N VAL A 31 12.87 -17.65 -14.78
CA VAL A 31 11.78 -17.83 -15.74
C VAL A 31 10.97 -19.13 -15.60
N GLY A 32 11.53 -20.15 -14.93
CA GLY A 32 10.81 -21.40 -14.66
C GLY A 32 11.16 -22.52 -15.62
N ILE A 33 10.89 -23.76 -15.24
CA ILE A 33 11.34 -24.95 -16.02
C ILE A 33 10.34 -25.37 -17.12
N PHE A 34 10.74 -25.15 -18.38
CA PHE A 34 9.83 -25.37 -19.51
C PHE A 34 10.22 -26.57 -20.33
N VAL A 35 9.29 -27.03 -21.18
CA VAL A 35 9.55 -28.16 -22.06
C VAL A 35 9.93 -27.67 -23.44
N ALA A 36 11.13 -28.04 -23.88
CA ALA A 36 11.65 -27.67 -25.18
C ALA A 36 11.17 -28.67 -26.21
N GLY A 37 10.87 -29.89 -25.75
CA GLY A 37 10.49 -30.98 -26.64
C GLY A 37 10.02 -32.26 -25.97
N VAL A 38 9.15 -32.96 -26.69
CA VAL A 38 8.63 -34.26 -26.28
C VAL A 38 9.22 -35.31 -27.24
N LEU A 39 9.64 -36.46 -26.72
CA LEU A 39 10.19 -37.51 -27.61
C LEU A 39 9.14 -38.16 -28.52
N GLU A 40 9.23 -37.79 -29.79
CA GLU A 40 8.36 -38.28 -30.88
C GLU A 40 8.04 -39.78 -30.73
N ASP A 41 6.79 -40.05 -30.36
CA ASP A 41 6.23 -41.41 -30.13
C ASP A 41 6.02 -41.75 -28.65
N SER A 42 6.57 -40.91 -27.76
CA SER A 42 6.64 -41.12 -26.31
C SER A 42 5.30 -41.33 -25.61
N PRO A 43 5.34 -41.96 -24.42
CA PRO A 43 4.19 -41.95 -23.52
C PRO A 43 3.86 -40.52 -23.07
N ALA A 44 4.90 -39.69 -22.93
CA ALA A 44 4.74 -38.28 -22.63
C ALA A 44 3.74 -37.63 -23.58
N ALA A 45 4.12 -37.52 -24.85
CA ALA A 45 3.29 -36.93 -25.90
C ALA A 45 1.85 -37.45 -25.93
N LYS A 46 1.63 -38.67 -25.45
CA LYS A 46 0.29 -39.24 -25.32
C LYS A 46 -0.58 -38.52 -24.30
N GLU A 47 0.04 -37.64 -23.51
CA GLU A 47 -0.67 -36.80 -22.55
C GLU A 47 -0.75 -35.35 -23.04
N GLY A 48 -0.75 -34.39 -22.12
CA GLY A 48 -0.87 -32.98 -22.50
C GLY A 48 0.43 -32.30 -22.95
N LEU A 49 1.57 -32.94 -22.71
CA LEU A 49 2.88 -32.28 -22.75
C LEU A 49 3.43 -32.04 -24.15
N GLU A 50 3.06 -30.91 -24.76
CA GLU A 50 3.67 -30.49 -26.02
C GLU A 50 4.89 -29.61 -25.78
N GLU A 51 5.43 -28.99 -26.83
CA GLU A 51 6.51 -28.01 -26.67
C GLU A 51 5.94 -26.72 -26.10
N GLY A 52 6.69 -26.14 -25.17
CA GLY A 52 6.37 -24.83 -24.65
C GLY A 52 5.50 -24.81 -23.41
N ASP A 53 5.20 -25.96 -22.81
CA ASP A 53 4.51 -25.96 -21.52
C ASP A 53 5.52 -25.80 -20.41
N GLN A 54 5.08 -25.21 -19.30
CA GLN A 54 5.91 -25.11 -18.12
C GLN A 54 5.62 -26.28 -17.22
N ILE A 55 6.66 -26.78 -16.54
CA ILE A 55 6.53 -27.84 -15.57
C ILE A 55 6.54 -27.18 -14.19
N LEU A 56 5.42 -27.30 -13.48
CA LEU A 56 5.29 -26.64 -12.19
C LEU A 56 5.56 -27.60 -11.04
N ARG A 57 5.13 -28.85 -11.19
CA ARG A 57 5.20 -29.87 -10.14
C ARG A 57 5.46 -31.26 -10.67
N VAL A 58 6.14 -32.09 -9.88
CA VAL A 58 6.37 -33.51 -10.22
C VAL A 58 6.32 -34.36 -8.93
N ASN A 59 5.58 -35.46 -8.94
CA ASN A 59 5.25 -36.20 -7.70
C ASN A 59 5.12 -35.26 -6.52
N ASN A 60 4.38 -34.16 -6.71
CA ASN A 60 4.32 -33.04 -5.75
C ASN A 60 5.71 -32.53 -5.31
N VAL A 61 6.56 -32.20 -6.28
CA VAL A 61 7.87 -31.59 -6.00
C VAL A 61 7.96 -30.23 -6.68
N ASP A 62 8.40 -29.23 -5.92
CA ASP A 62 8.43 -27.84 -6.33
C ASP A 62 9.39 -27.62 -7.47
N PHE A 63 8.86 -27.55 -8.70
CA PHE A 63 9.70 -27.24 -9.84
C PHE A 63 9.72 -25.75 -10.11
N THR A 64 9.15 -24.95 -9.21
CA THR A 64 9.18 -23.50 -9.41
C THR A 64 10.54 -22.92 -9.05
N ASN A 65 11.06 -23.24 -7.88
CA ASN A 65 12.34 -22.64 -7.49
C ASN A 65 13.47 -23.68 -7.55
N ILE A 66 13.85 -24.02 -8.79
CA ILE A 66 14.67 -25.19 -9.07
C ILE A 66 15.47 -24.92 -10.34
N ILE A 67 16.78 -25.10 -10.26
CA ILE A 67 17.70 -24.80 -11.37
C ILE A 67 17.45 -25.81 -12.44
N ARG A 68 17.66 -25.42 -13.69
CA ARG A 68 17.48 -26.34 -14.82
C ARG A 68 18.18 -27.68 -14.61
N GLU A 69 19.48 -27.61 -14.29
CA GLU A 69 20.27 -28.83 -14.07
C GLU A 69 19.55 -29.81 -13.16
N GLU A 70 19.27 -29.34 -11.94
CA GLU A 70 18.58 -30.14 -10.95
C GLU A 70 17.07 -30.11 -11.15
N ALA A 71 16.65 -29.79 -12.36
CA ALA A 71 15.43 -30.38 -12.87
C ALA A 71 15.89 -31.65 -13.58
N VAL A 72 16.60 -31.56 -14.71
CA VAL A 72 16.90 -32.76 -15.53
C VAL A 72 17.36 -34.00 -14.73
N LEU A 73 18.10 -33.79 -13.64
CA LEU A 73 18.48 -34.89 -12.76
C LEU A 73 17.25 -35.45 -12.06
N PHE A 74 16.43 -34.61 -11.43
CA PHE A 74 15.15 -35.10 -10.89
C PHE A 74 14.37 -35.91 -11.95
N LEU A 75 14.44 -35.48 -13.21
CA LEU A 75 13.87 -36.24 -14.33
C LEU A 75 14.78 -37.38 -14.83
N LEU A 76 16.02 -37.43 -14.36
CA LEU A 76 16.87 -38.61 -14.60
C LEU A 76 16.58 -39.65 -13.52
N ASP A 77 16.78 -39.25 -12.26
CA ASP A 77 16.58 -40.11 -11.08
C ASP A 77 15.38 -41.05 -11.19
N LEU A 78 14.24 -40.52 -11.62
CA LEU A 78 12.96 -41.25 -11.62
C LEU A 78 13.02 -42.67 -12.19
N PRO A 79 12.73 -43.68 -11.35
CA PRO A 79 12.83 -45.07 -11.81
C PRO A 79 12.12 -45.30 -13.16
N LYS A 80 12.77 -46.07 -14.03
CA LYS A 80 12.20 -46.57 -15.30
C LYS A 80 10.81 -47.17 -15.06
N GLY A 81 10.01 -47.27 -16.14
CA GLY A 81 8.70 -47.96 -16.12
C GLY A 81 7.91 -47.70 -14.86
N GLU A 82 7.92 -46.44 -14.43
CA GLU A 82 7.20 -46.03 -13.25
C GLU A 82 6.39 -44.79 -13.62
N GLU A 83 5.35 -44.50 -12.85
CA GLU A 83 4.45 -43.37 -13.11
C GLU A 83 5.10 -42.01 -12.81
N VAL A 84 4.73 -41.01 -13.59
CA VAL A 84 5.16 -39.63 -13.34
C VAL A 84 3.90 -38.76 -13.34
N THR A 85 3.80 -37.84 -12.37
CA THR A 85 2.61 -37.03 -12.26
C THR A 85 2.89 -35.49 -12.29
N ILE A 86 3.17 -35.03 -13.52
CA ILE A 86 3.52 -33.65 -13.86
C ILE A 86 2.31 -32.70 -13.88
N LEU A 87 2.39 -31.61 -13.12
CA LEU A 87 1.37 -30.53 -13.13
C LEU A 87 1.86 -29.37 -13.99
N ALA A 88 1.21 -29.16 -15.13
CA ALA A 88 1.75 -28.27 -16.16
C ALA A 88 0.78 -27.16 -16.60
N GLN A 89 1.34 -26.11 -17.20
CA GLN A 89 0.60 -25.02 -17.82
C GLN A 89 1.32 -24.54 -19.07
N LYS A 90 0.57 -24.26 -20.14
CA LYS A 90 1.17 -23.91 -21.42
C LYS A 90 2.16 -22.72 -21.33
N LYS A 91 1.67 -21.50 -21.08
CA LYS A 91 2.51 -20.27 -21.04
C LYS A 91 3.37 -20.00 -22.29
N LYS A 92 2.75 -19.86 -23.46
CA LYS A 92 3.49 -19.58 -24.72
C LYS A 92 4.20 -18.23 -24.70
N ASP A 93 3.60 -17.29 -23.94
CA ASP A 93 4.18 -15.98 -23.61
C ASP A 93 5.56 -16.04 -22.92
N VAL A 94 5.75 -16.92 -21.95
CA VAL A 94 7.04 -17.01 -21.25
C VAL A 94 8.06 -17.74 -22.13
N TYR A 95 7.60 -18.71 -22.93
CA TYR A 95 8.50 -19.53 -23.76
C TYR A 95 9.06 -18.80 -24.98
N ARG A 96 8.23 -17.99 -25.65
CA ARG A 96 8.73 -17.16 -26.76
C ARG A 96 10.00 -16.40 -26.29
N ARG A 97 9.90 -15.69 -25.16
CA ARG A 97 11.05 -14.99 -24.56
C ARG A 97 12.27 -15.90 -24.38
N ILE A 98 12.06 -17.09 -23.82
CA ILE A 98 13.13 -18.08 -23.62
C ILE A 98 13.87 -18.33 -24.93
N VAL A 99 13.11 -18.70 -25.96
CA VAL A 99 13.71 -19.07 -27.24
C VAL A 99 14.32 -17.85 -27.93
N GLU A 100 13.71 -16.68 -27.77
CA GLU A 100 14.25 -15.45 -28.36
C GLU A 100 15.58 -15.01 -27.76
N SER A 101 15.62 -14.87 -26.43
CA SER A 101 16.88 -14.78 -25.66
C SER A 101 16.90 -15.95 -24.68
N ASP A 102 17.97 -16.75 -24.73
CA ASP A 102 18.01 -18.05 -24.05
C ASP A 102 17.53 -18.00 -22.60
N VAL A 103 17.96 -16.94 -21.90
CA VAL A 103 17.83 -16.75 -20.44
C VAL A 103 16.94 -17.75 -19.69
N GLY A 104 17.58 -18.52 -18.80
CA GLY A 104 16.89 -19.45 -17.93
C GLY A 104 17.29 -19.31 -16.48
N ASP A 105 18.58 -19.54 -16.21
CA ASP A 105 19.11 -19.52 -14.85
C ASP A 105 19.65 -18.14 -14.51
N SER A 106 19.44 -17.70 -13.27
CA SER A 106 20.03 -16.48 -12.77
C SER A 106 20.07 -16.45 -11.23
N PHE A 107 21.28 -16.61 -10.70
CA PHE A 107 21.58 -16.52 -9.29
C PHE A 107 23.07 -16.20 -9.16
N TYR A 108 23.46 -15.66 -8.01
CA TYR A 108 24.83 -15.23 -7.85
C TYR A 108 25.54 -16.18 -6.91
N ILE A 109 26.81 -16.48 -7.18
CA ILE A 109 27.58 -17.40 -6.35
C ILE A 109 28.94 -16.84 -6.01
N ARG A 110 29.22 -16.70 -4.71
CA ARG A 110 30.51 -16.19 -4.28
C ARG A 110 31.46 -17.35 -4.03
N THR A 111 32.64 -17.28 -4.66
CA THR A 111 33.65 -18.35 -4.57
C THR A 111 34.50 -18.33 -3.30
N HIS A 112 34.99 -19.52 -2.94
CA HIS A 112 35.84 -19.69 -1.78
C HIS A 112 36.89 -20.77 -2.01
N PHE A 113 37.68 -20.56 -3.07
CA PHE A 113 38.80 -21.43 -3.50
C PHE A 113 39.34 -20.92 -4.86
N GLU A 114 40.66 -21.04 -5.08
CA GLU A 114 41.29 -20.75 -6.39
C GLU A 114 40.87 -21.78 -7.44
N TYR A 115 40.78 -21.36 -8.70
CA TYR A 115 40.58 -22.27 -9.85
C TYR A 115 41.49 -21.89 -11.01
N GLU A 116 41.96 -22.88 -11.77
CA GLU A 116 42.77 -22.62 -12.96
C GLU A 116 41.95 -22.92 -14.20
N LYS A 117 41.96 -22.01 -15.16
CA LYS A 117 41.24 -22.26 -16.41
C LYS A 117 41.99 -23.28 -17.29
N GLU A 118 41.26 -24.31 -17.71
CA GLU A 118 41.79 -25.37 -18.58
C GLU A 118 41.06 -25.44 -19.95
N SER A 119 40.78 -24.27 -20.50
CA SER A 119 40.14 -24.06 -21.81
C SER A 119 39.96 -22.55 -22.00
N PRO A 120 40.15 -22.03 -23.23
CA PRO A 120 40.10 -20.56 -23.50
C PRO A 120 38.83 -19.80 -23.04
N TYR A 121 37.69 -20.49 -22.98
CA TYR A 121 36.42 -19.88 -22.56
C TYR A 121 36.22 -19.92 -21.04
N GLY A 122 37.08 -20.68 -20.37
CA GLY A 122 36.99 -20.83 -18.94
C GLY A 122 37.45 -19.59 -18.23
N LEU A 123 36.95 -19.40 -17.01
CA LEU A 123 37.40 -18.30 -16.19
C LEU A 123 38.12 -18.82 -14.98
N SER A 124 39.32 -18.26 -14.74
CA SER A 124 40.09 -18.50 -13.52
C SER A 124 39.49 -17.58 -12.45
N PHE A 125 39.73 -17.87 -11.18
CA PHE A 125 39.23 -16.99 -10.10
C PHE A 125 39.83 -17.23 -8.72
N ASN A 126 40.27 -16.17 -8.07
CA ASN A 126 40.65 -16.23 -6.66
C ASN A 126 39.43 -16.59 -5.81
N LYS A 127 39.64 -16.93 -4.55
CA LYS A 127 38.53 -16.90 -3.61
C LYS A 127 38.01 -15.46 -3.59
N GLY A 128 36.70 -15.27 -3.43
CA GLY A 128 36.11 -13.93 -3.34
C GLY A 128 35.26 -13.48 -4.52
N GLU A 129 35.61 -13.94 -5.73
CA GLU A 129 34.93 -13.53 -6.98
C GLU A 129 33.49 -14.04 -7.13
N VAL A 130 32.53 -13.11 -7.13
CA VAL A 130 31.12 -13.39 -7.33
C VAL A 130 30.81 -13.63 -8.80
N PHE A 131 30.01 -14.66 -9.09
CA PHE A 131 29.53 -14.96 -10.45
C PHE A 131 28.00 -15.09 -10.58
N ARG A 132 27.47 -14.53 -11.66
CA ARG A 132 26.07 -14.73 -12.00
C ARG A 132 26.01 -15.96 -12.87
N VAL A 133 25.37 -17.01 -12.39
CA VAL A 133 25.27 -18.23 -13.16
C VAL A 133 24.04 -18.16 -14.08
N VAL A 134 24.27 -18.38 -15.38
CA VAL A 134 23.23 -18.19 -16.37
C VAL A 134 22.92 -19.47 -17.16
N ASP A 135 23.78 -20.49 -17.03
CA ASP A 135 23.54 -21.80 -17.68
C ASP A 135 24.07 -22.90 -16.82
N THR A 136 23.26 -23.95 -16.67
CA THR A 136 23.52 -25.02 -15.71
C THR A 136 23.58 -26.40 -16.37
N LEU A 137 23.56 -26.39 -17.69
CA LEU A 137 23.87 -27.55 -18.48
C LEU A 137 24.49 -27.03 -19.76
N TYR A 138 25.65 -26.37 -19.65
CA TYR A 138 26.18 -25.64 -20.79
C TYR A 138 26.15 -26.47 -22.09
N ASN A 139 25.31 -26.01 -23.03
CA ASN A 139 24.94 -26.72 -24.28
C ASN A 139 23.96 -27.89 -24.02
N GLY A 140 24.53 -29.09 -23.79
CA GLY A 140 23.74 -30.26 -23.39
C GLY A 140 24.50 -31.15 -22.43
N LYS A 141 25.19 -30.53 -21.49
CA LYS A 141 26.18 -31.28 -20.72
C LYS A 141 26.12 -30.97 -19.23
N LEU A 142 26.27 -32.03 -18.43
CA LEU A 142 26.43 -31.89 -16.99
C LEU A 142 27.91 -31.65 -16.75
N GLY A 143 28.22 -31.01 -15.63
CA GLY A 143 29.61 -30.68 -15.28
C GLY A 143 29.95 -29.22 -15.36
N SER A 144 29.43 -28.51 -16.38
CA SER A 144 29.93 -27.15 -16.66
C SER A 144 28.89 -26.06 -16.92
N TRP A 145 28.90 -25.09 -16.00
CA TRP A 145 28.01 -23.94 -15.94
C TRP A 145 28.50 -22.75 -16.79
N LEU A 146 27.58 -21.91 -17.28
CA LEU A 146 27.97 -20.60 -17.84
C LEU A 146 27.86 -19.51 -16.76
N ALA A 147 28.71 -18.49 -16.86
CA ALA A 147 28.79 -17.48 -15.83
C ALA A 147 29.19 -16.11 -16.35
N ILE A 148 28.78 -15.07 -15.62
CA ILE A 148 29.19 -13.70 -15.89
C ILE A 148 29.97 -13.12 -14.72
N ARG A 149 31.22 -12.70 -14.97
CA ARG A 149 32.11 -12.24 -13.90
C ARG A 149 31.64 -10.92 -13.27
N ILE A 150 31.70 -10.81 -11.94
CA ILE A 150 31.22 -9.60 -11.28
C ILE A 150 32.32 -8.87 -10.48
N GLY A 151 32.80 -7.76 -11.03
CA GLY A 151 33.94 -7.06 -10.47
C GLY A 151 33.66 -5.64 -10.01
N LYS A 152 33.87 -4.69 -10.92
CA LYS A 152 33.85 -3.25 -10.58
C LYS A 152 32.43 -2.71 -10.43
N ASN A 153 32.14 -2.13 -9.26
CA ASN A 153 30.80 -1.64 -8.94
C ASN A 153 29.70 -2.62 -9.41
N HIS A 154 29.91 -3.91 -9.18
CA HIS A 154 28.90 -4.96 -9.41
C HIS A 154 28.42 -5.14 -10.88
N LYS A 155 29.16 -4.56 -11.83
CA LYS A 155 28.85 -4.66 -13.26
C LYS A 155 28.95 -6.09 -13.80
N GLU A 156 28.45 -6.33 -15.00
CA GLU A 156 28.66 -7.63 -15.64
C GLU A 156 29.69 -7.55 -16.74
N VAL A 157 30.86 -8.12 -16.46
CA VAL A 157 32.14 -7.72 -17.05
C VAL A 157 32.77 -8.74 -17.99
N GLU A 158 32.69 -10.03 -17.62
CA GLU A 158 33.18 -11.09 -18.51
C GLU A 158 32.37 -12.38 -18.47
N ARG A 159 32.10 -12.91 -19.66
CA ARG A 159 31.13 -14.00 -19.92
C ARG A 159 31.85 -15.34 -20.10
N GLY A 160 32.07 -16.09 -19.02
CA GLY A 160 32.82 -17.35 -19.15
C GLY A 160 32.12 -18.61 -18.66
N ILE A 161 32.81 -19.75 -18.71
CA ILE A 161 32.30 -21.02 -18.15
C ILE A 161 33.13 -21.64 -16.99
N ILE A 162 32.44 -22.16 -15.98
CA ILE A 162 33.11 -22.63 -14.77
C ILE A 162 32.60 -24.04 -14.37
N PRO A 163 33.31 -24.70 -13.42
CA PRO A 163 32.87 -25.99 -12.91
C PRO A 163 31.57 -25.90 -12.11
N ASN A 164 30.64 -26.81 -12.36
CA ASN A 164 29.39 -26.86 -11.59
C ASN A 164 29.57 -27.16 -10.09
N LYS A 165 28.50 -26.99 -9.30
CA LYS A 165 28.67 -26.83 -7.84
C LYS A 165 29.42 -27.97 -7.17
N ASN A 166 29.14 -29.18 -7.62
CA ASN A 166 29.75 -30.39 -7.08
C ASN A 166 31.21 -30.56 -7.51
N ARG A 167 31.47 -30.48 -8.82
CA ARG A 167 32.85 -30.56 -9.29
C ARG A 167 33.67 -29.53 -8.57
N ALA A 168 33.08 -28.34 -8.39
CA ALA A 168 33.72 -27.21 -7.70
C ALA A 168 34.16 -27.55 -6.28
N GLU A 169 33.37 -28.36 -5.58
CA GLU A 169 33.73 -28.77 -4.23
C GLU A 169 34.83 -29.86 -4.24
N GLN A 170 34.89 -30.66 -5.31
CA GLN A 170 35.99 -31.62 -5.49
C GLN A 170 37.31 -30.87 -5.49
N LEU A 171 37.43 -30.01 -6.51
CA LEU A 171 38.58 -29.20 -6.73
C LEU A 171 38.85 -28.31 -5.52
N ALA A 172 37.80 -28.02 -4.76
CA ALA A 172 37.96 -27.33 -3.49
C ALA A 172 38.57 -28.27 -2.47
N SER A 173 38.07 -29.50 -2.42
CA SER A 173 38.48 -30.48 -1.40
C SER A 173 39.97 -30.78 -1.44
N VAL A 174 40.51 -30.95 -2.65
CA VAL A 174 41.93 -31.23 -2.80
C VAL A 174 42.76 -29.93 -2.60
N GLN A 175 42.12 -28.93 -2.01
CA GLN A 175 42.72 -27.71 -1.48
C GLN A 175 44.20 -27.50 -1.82
N LYS A 217 35.17 -23.47 6.96
CA LYS A 217 34.20 -22.45 6.54
C LYS A 217 34.25 -22.24 5.03
N PHE A 218 33.07 -22.11 4.42
CA PHE A 218 32.92 -21.74 3.00
C PHE A 218 32.91 -22.91 2.03
N PRO A 219 31.71 -23.17 1.46
CA PRO A 219 31.45 -23.93 0.25
C PRO A 219 32.47 -23.58 -0.81
N ALA A 220 32.41 -24.22 -1.97
CA ALA A 220 33.25 -23.80 -3.07
C ALA A 220 32.53 -22.65 -3.75
N TYR A 221 31.20 -22.75 -3.75
CA TYR A 221 30.28 -21.81 -4.36
C TYR A 221 29.17 -21.48 -3.36
N GLU A 222 29.28 -20.32 -2.70
CA GLU A 222 28.19 -19.80 -1.91
C GLU A 222 27.18 -19.26 -2.89
N ARG A 223 25.91 -19.22 -2.50
CA ARG A 223 24.90 -18.51 -3.26
C ARG A 223 24.50 -17.29 -2.42
N VAL A 224 24.61 -16.12 -3.06
CA VAL A 224 24.49 -14.82 -2.39
C VAL A 224 23.57 -13.87 -3.15
N VAL A 225 23.12 -12.82 -2.47
CA VAL A 225 22.38 -11.72 -3.08
C VAL A 225 22.89 -10.38 -2.55
N LEU A 226 22.46 -9.27 -3.15
CA LEU A 226 22.90 -7.94 -2.74
C LEU A 226 21.99 -7.28 -1.73
N ARG A 227 22.58 -6.82 -0.64
CA ARG A 227 21.84 -6.18 0.46
C ARG A 227 22.58 -5.01 1.07
N GLU A 228 21.84 -4.05 1.61
CA GLU A 228 22.44 -3.06 2.48
C GLU A 228 22.20 -3.48 3.91
N ALA A 229 23.10 -3.09 4.80
CA ALA A 229 22.89 -3.36 6.22
C ALA A 229 21.53 -2.85 6.67
N GLY A 230 20.73 -3.72 7.27
CA GLY A 230 19.46 -3.33 7.90
C GLY A 230 19.69 -2.69 9.26
N PHE A 231 20.93 -2.33 9.50
CA PHE A 231 21.39 -1.86 10.80
C PHE A 231 22.58 -0.95 10.53
N LEU A 232 22.89 -0.05 11.47
CA LEU A 232 24.16 0.63 11.38
C LEU A 232 25.28 -0.45 11.49
N ARG A 233 26.39 -0.26 10.77
CA ARG A 233 27.48 -1.23 10.77
C ARG A 233 28.66 -0.87 11.68
N PRO A 234 29.09 -1.81 12.51
CA PRO A 234 30.37 -1.64 13.18
C PRO A 234 31.38 -1.01 12.26
N VAL A 235 32.16 -0.09 12.80
CA VAL A 235 33.28 0.51 12.07
C VAL A 235 34.64 -0.01 12.60
N THR A 236 35.60 -0.24 11.71
CA THR A 236 36.96 -0.67 12.10
C THR A 236 37.97 0.25 11.42
N ILE A 237 38.70 1.02 12.22
CA ILE A 237 39.65 2.01 11.68
C ILE A 237 41.10 1.52 11.86
N PHE A 238 41.91 1.70 10.83
CA PHE A 238 43.33 1.35 10.90
C PHE A 238 44.23 2.49 10.47
N GLY A 239 45.49 2.47 10.94
CA GLY A 239 46.46 3.50 10.58
C GLY A 239 46.78 4.33 11.81
N PRO A 240 47.90 5.07 11.80
CA PRO A 240 48.56 5.74 12.92
C PRO A 240 47.79 6.81 13.68
N ILE A 241 46.62 7.25 13.19
CA ILE A 241 45.77 8.06 14.06
C ILE A 241 44.42 7.41 14.38
N ALA A 242 44.29 6.13 14.04
CA ALA A 242 43.07 5.38 14.29
C ALA A 242 42.50 5.61 15.66
N ASP A 243 43.37 5.83 16.64
CA ASP A 243 42.87 5.95 18.01
C ASP A 243 42.28 7.33 18.25
N VAL A 244 42.74 8.30 17.46
CA VAL A 244 42.22 9.66 17.52
C VAL A 244 40.89 9.76 16.76
N ALA A 245 40.70 8.90 15.77
CA ALA A 245 39.48 8.94 14.97
C ALA A 245 38.33 8.48 15.86
N ARG A 246 38.46 7.27 16.40
CA ARG A 246 37.53 6.78 17.42
C ARG A 246 37.29 7.83 18.50
N GLU A 247 38.31 8.58 18.88
CA GLU A 247 38.18 9.60 19.93
C GLU A 247 37.24 10.68 19.46
N LYS A 248 37.60 11.25 18.29
CA LYS A 248 36.97 12.44 17.73
C LYS A 248 35.52 12.12 17.38
N LEU A 249 35.33 11.22 16.42
CA LEU A 249 33.99 10.84 15.95
C LEU A 249 33.07 10.58 17.12
N ALA A 250 33.46 9.62 17.97
CA ALA A 250 32.70 9.24 19.15
C ALA A 250 32.36 10.41 20.05
N ARG A 251 33.24 11.40 20.13
CA ARG A 251 32.98 12.58 20.95
C ARG A 251 32.23 13.65 20.18
N GLU A 252 32.64 13.93 18.95
CA GLU A 252 32.14 15.10 18.22
C GLU A 252 30.83 14.84 17.49
N GLU A 253 30.48 13.56 17.33
CA GLU A 253 29.18 13.18 16.82
C GLU A 253 28.64 12.03 17.71
N PRO A 254 28.52 12.28 19.04
CA PRO A 254 28.25 11.22 20.01
C PRO A 254 26.88 10.60 19.83
N ASP A 255 26.07 11.21 18.95
CA ASP A 255 24.74 10.73 18.59
C ASP A 255 24.80 9.51 17.65
N ILE A 256 25.59 9.64 16.59
CA ILE A 256 25.78 8.53 15.65
C ILE A 256 26.80 7.52 16.21
N TYR A 257 27.77 7.98 16.99
CA TYR A 257 28.90 7.09 17.38
C TYR A 257 29.00 6.64 18.85
N GLN A 258 29.53 5.44 19.02
CA GLN A 258 29.79 4.86 20.34
C GLN A 258 30.90 3.84 20.18
N ILE A 259 31.97 4.02 20.97
CA ILE A 259 33.11 3.10 20.98
C ILE A 259 32.72 1.85 21.76
N ALA A 260 32.82 0.67 21.14
CA ALA A 260 32.44 -0.57 21.81
C ALA A 260 33.41 -0.90 22.94
N LYS A 261 32.88 -1.06 24.15
CA LYS A 261 33.69 -1.33 25.33
C LYS A 261 34.37 -2.70 25.20
N SER A 262 35.69 -2.67 25.10
CA SER A 262 36.49 -3.89 24.97
C SER A 262 36.70 -4.57 26.32
N ILE A 276 38.64 -9.89 23.86
CA ILE A 276 38.54 -8.43 23.78
C ILE A 276 37.30 -8.01 22.98
N ILE A 277 37.05 -8.70 21.86
CA ILE A 277 35.91 -8.42 20.94
C ILE A 277 34.62 -8.17 21.72
N ARG A 278 33.99 -9.27 22.17
CA ARG A 278 32.73 -9.29 22.94
C ARG A 278 31.64 -8.49 22.25
N LEU A 279 30.94 -9.17 21.34
CA LEU A 279 29.99 -8.53 20.43
C LEU A 279 28.58 -8.41 20.98
N HIS A 280 28.39 -8.83 22.22
CA HIS A 280 27.19 -8.39 22.94
C HIS A 280 27.46 -6.97 23.45
N THR A 281 28.75 -6.58 23.53
CA THR A 281 29.11 -5.16 23.71
C THR A 281 28.68 -4.37 22.48
N ILE A 282 28.80 -5.01 21.31
CA ILE A 282 28.58 -4.39 20.00
C ILE A 282 27.13 -4.49 19.46
N LYS A 283 26.41 -5.56 19.79
CA LYS A 283 24.99 -5.61 19.44
C LYS A 283 24.24 -4.56 20.24
N GLN A 284 24.50 -4.56 21.56
CA GLN A 284 23.87 -3.62 22.50
C GLN A 284 24.26 -2.18 22.19
N ILE A 285 25.07 -2.02 21.14
CA ILE A 285 25.47 -0.72 20.60
C ILE A 285 24.76 -0.46 19.27
N ILE A 286 24.69 -1.49 18.42
CA ILE A 286 23.90 -1.42 17.19
C ILE A 286 22.43 -1.13 17.48
N ASP A 287 21.82 -1.91 18.38
CA ASP A 287 20.44 -1.69 18.85
C ASP A 287 20.08 -0.21 19.03
N GLN A 288 21.11 0.63 19.16
CA GLN A 288 20.88 2.03 19.50
C GLN A 288 21.00 2.98 18.31
N ASP A 289 20.94 2.42 17.10
CA ASP A 289 21.10 3.18 15.86
C ASP A 289 22.39 3.99 15.89
N LYS A 290 23.42 3.39 16.50
CA LYS A 290 24.74 4.02 16.67
C LYS A 290 25.83 3.14 16.10
N HIS A 291 26.82 3.78 15.50
CA HIS A 291 27.93 3.06 14.89
C HIS A 291 28.91 2.51 15.91
N ALA A 292 29.09 1.20 15.88
CA ALA A 292 30.01 0.52 16.78
C ALA A 292 31.46 0.78 16.37
N LEU A 293 32.05 1.84 16.93
CA LEU A 293 33.47 2.12 16.71
C LEU A 293 34.25 1.05 17.46
N LEU A 294 35.18 0.39 16.76
CA LEU A 294 35.93 -0.78 17.28
C LEU A 294 37.44 -0.71 17.05
N ASP A 295 38.22 -1.04 18.08
CA ASP A 295 39.69 -0.95 18.04
C ASP A 295 40.37 -2.28 17.65
N VAL A 296 39.58 -3.21 17.14
CA VAL A 296 39.99 -4.59 16.89
C VAL A 296 41.11 -4.84 15.85
N THR A 297 41.25 -6.12 15.49
CA THR A 297 42.37 -6.68 14.75
C THR A 297 41.91 -7.28 13.41
N PRO A 298 42.83 -7.68 12.51
CA PRO A 298 42.42 -8.37 11.28
C PRO A 298 41.62 -9.66 11.48
N ASN A 299 42.11 -10.61 12.28
CA ASN A 299 41.34 -11.85 12.55
C ASN A 299 39.96 -11.47 13.09
N ALA A 300 39.96 -10.54 14.05
CA ALA A 300 38.73 -10.09 14.71
C ALA A 300 37.73 -9.59 13.67
N VAL A 301 38.25 -8.95 12.63
CA VAL A 301 37.41 -8.57 11.50
C VAL A 301 37.05 -9.78 10.65
N ASP A 302 38.04 -10.53 10.14
CA ASP A 302 37.80 -11.73 9.29
C ASP A 302 36.64 -12.56 9.82
N ARG A 303 36.49 -12.53 11.15
CA ARG A 303 35.56 -13.32 11.91
C ARG A 303 34.16 -12.74 11.77
N LEU A 304 34.08 -11.42 11.94
CA LEU A 304 32.84 -10.65 11.73
C LEU A 304 32.38 -10.68 10.29
N ASN A 305 33.31 -10.76 9.35
CA ASN A 305 32.95 -11.07 7.99
C ASN A 305 32.24 -12.40 7.95
N TYR A 306 32.83 -13.39 8.63
CA TYR A 306 32.31 -14.76 8.62
C TYR A 306 30.81 -14.76 8.88
N ALA A 307 30.42 -14.06 9.94
CA ALA A 307 29.04 -14.04 10.42
C ALA A 307 28.12 -13.23 9.50
N GLN A 308 28.68 -12.64 8.44
CA GLN A 308 28.00 -11.63 7.61
C GLN A 308 27.58 -10.38 8.41
N TRP A 309 28.27 -10.11 9.52
CA TRP A 309 28.03 -8.90 10.30
C TRP A 309 28.86 -7.75 9.75
N TYR A 310 29.02 -7.73 8.43
CA TYR A 310 30.07 -6.93 7.79
C TYR A 310 30.18 -5.54 8.39
N PRO A 311 31.37 -5.24 8.94
CA PRO A 311 31.59 -3.91 9.46
C PRO A 311 31.98 -3.02 8.28
N ILE A 312 32.41 -1.78 8.56
CA ILE A 312 33.07 -0.97 7.54
C ILE A 312 34.52 -0.90 8.02
N VAL A 313 35.47 -1.19 7.14
CA VAL A 313 36.88 -1.18 7.53
C VAL A 313 37.66 -0.09 6.79
N VAL A 314 37.99 0.99 7.50
CA VAL A 314 38.60 2.15 6.87
C VAL A 314 40.07 2.24 7.25
N PHE A 315 40.93 2.50 6.25
CA PHE A 315 42.38 2.52 6.45
C PHE A 315 42.96 3.90 6.21
N LEU A 316 43.53 4.46 7.25
CA LEU A 316 44.09 5.77 7.17
C LEU A 316 45.57 5.64 6.82
N ASN A 317 45.88 5.73 5.53
CA ASN A 317 47.24 5.44 5.07
C ASN A 317 48.28 6.54 5.30
N PRO A 318 49.16 6.36 6.31
CA PRO A 318 50.13 7.40 6.58
C PRO A 318 50.92 7.71 5.33
N ASP A 319 51.11 9.00 5.06
CA ASP A 319 51.92 9.49 3.93
C ASP A 319 53.40 9.18 4.07
N SER A 320 53.98 9.60 5.20
CA SER A 320 55.40 9.37 5.44
C SER A 320 55.69 9.05 6.90
N LYS A 321 56.90 8.56 7.15
CA LYS A 321 57.41 8.36 8.50
C LYS A 321 57.27 9.64 9.36
N GLN A 322 57.81 10.76 8.89
CA GLN A 322 57.71 12.02 9.63
C GLN A 322 56.29 12.56 9.69
N GLY A 323 55.60 12.50 8.54
CA GLY A 323 54.15 12.75 8.46
C GLY A 323 53.46 12.42 9.77
N VAL A 324 53.32 11.14 10.08
CA VAL A 324 52.75 10.69 11.35
C VAL A 324 53.07 11.64 12.53
N LYS A 325 54.36 11.93 12.74
CA LYS A 325 54.81 12.75 13.88
C LYS A 325 54.17 14.14 13.82
N THR A 326 54.35 14.81 12.68
CA THR A 326 53.69 16.10 12.39
C THR A 326 52.22 16.06 12.76
N MET A 327 51.56 14.97 12.39
CA MET A 327 50.12 14.77 12.61
C MET A 327 49.76 14.45 14.05
N ARG A 328 50.30 13.36 14.57
CA ARG A 328 49.99 13.02 15.93
C ARG A 328 50.30 14.21 16.86
N MET A 329 51.20 15.10 16.46
CA MET A 329 51.59 16.20 17.34
C MET A 329 50.52 17.26 17.37
N ARG A 330 49.80 17.36 16.26
CA ARG A 330 48.81 18.37 16.05
C ARG A 330 47.58 18.01 16.87
N LEU A 331 47.33 16.70 16.97
CA LEU A 331 46.08 16.13 17.44
C LEU A 331 46.13 15.54 18.85
N CYS A 332 47.27 14.93 19.19
CA CYS A 332 47.46 14.31 20.50
C CYS A 332 48.90 14.46 21.03
N PRO A 333 49.23 15.64 21.58
CA PRO A 333 50.60 15.81 22.08
C PRO A 333 50.84 15.03 23.37
N GLU A 334 49.76 14.68 24.07
CA GLU A 334 49.85 13.87 25.28
C GLU A 334 50.37 12.45 24.94
N SER A 335 49.76 11.82 23.92
CA SER A 335 50.14 10.47 23.47
C SER A 335 51.65 10.25 23.60
N ARG A 336 52.01 9.03 24.04
CA ARG A 336 53.40 8.69 24.30
C ARG A 336 53.92 7.80 23.16
N LYS A 337 52.98 7.39 22.28
CA LYS A 337 53.22 6.33 21.25
C LYS A 337 54.14 6.70 20.08
N SER A 338 55.22 5.96 19.88
CA SER A 338 56.18 6.27 18.81
C SER A 338 55.61 6.23 17.37
N ALA A 339 55.84 7.32 16.62
CA ALA A 339 55.42 7.41 15.23
C ALA A 339 56.05 6.31 14.37
N ARG A 340 57.36 6.14 14.50
CA ARG A 340 58.07 5.02 13.90
C ARG A 340 57.21 3.74 14.06
N LYS A 341 56.91 3.42 15.33
CA LYS A 341 56.14 2.23 15.75
C LYS A 341 54.72 2.16 15.12
N LEU A 342 54.08 3.32 14.99
CA LEU A 342 52.78 3.42 14.38
C LEU A 342 52.88 3.27 12.86
N TYR A 343 53.76 4.03 12.22
CA TYR A 343 54.02 3.86 10.80
C TYR A 343 54.33 2.40 10.50
N GLU A 344 55.36 1.85 11.16
CA GLU A 344 55.84 0.50 10.89
C GLU A 344 54.68 -0.50 10.94
N ARG A 345 53.88 -0.45 12.00
CA ARG A 345 52.69 -1.30 12.09
C ARG A 345 51.85 -1.20 10.82
N SER A 346 51.32 0.00 10.54
CA SER A 346 50.45 0.26 9.40
C SER A 346 50.83 -0.50 8.13
N HIS A 347 52.12 -0.54 7.83
CA HIS A 347 52.58 -1.16 6.59
C HIS A 347 52.56 -2.69 6.59
N LYS A 348 52.95 -3.31 7.71
CA LYS A 348 52.72 -4.75 7.91
C LYS A 348 51.24 -5.07 7.66
N LEU A 349 50.38 -4.53 8.51
CA LEU A 349 48.94 -4.61 8.32
C LEU A 349 48.50 -4.39 6.85
N ARG A 350 49.15 -3.49 6.14
CA ARG A 350 48.84 -3.27 4.73
C ARG A 350 49.45 -4.38 3.89
N LYS A 351 50.78 -4.53 3.94
CA LYS A 351 51.54 -5.54 3.15
C LYS A 351 50.94 -6.94 3.25
N ASN A 352 50.62 -7.31 4.48
CA ASN A 352 49.93 -8.54 4.79
C ASN A 352 48.45 -8.28 5.00
N ASN A 353 47.60 -8.75 4.09
CA ASN A 353 46.13 -8.55 4.13
C ASN A 353 45.58 -7.10 4.15
N HIS A 354 45.37 -6.56 2.95
CA HIS A 354 44.53 -5.38 2.77
C HIS A 354 43.09 -5.79 2.35
N HIS A 355 42.87 -7.11 2.30
CA HIS A 355 41.59 -7.69 1.91
C HIS A 355 40.56 -7.27 2.95
N LEU A 356 41.09 -7.02 4.15
CA LEU A 356 40.36 -6.35 5.23
C LEU A 356 39.66 -5.09 4.80
N PHE A 357 40.43 -4.04 4.50
CA PHE A 357 39.88 -2.72 4.35
C PHE A 357 38.98 -2.65 3.12
N THR A 358 37.74 -2.21 3.34
CA THR A 358 36.82 -1.95 2.25
C THR A 358 37.25 -0.68 1.49
N THR A 359 37.31 0.45 2.20
CA THR A 359 37.72 1.74 1.61
C THR A 359 38.91 2.28 2.37
N THR A 360 39.81 2.97 1.65
CA THR A 360 40.99 3.59 2.29
C THR A 360 41.09 5.11 2.04
N ILE A 361 41.93 5.81 2.80
CA ILE A 361 41.93 7.29 2.84
C ILE A 361 43.35 7.80 3.04
N ASN A 362 43.93 8.42 2.01
CA ASN A 362 45.31 8.86 2.09
C ASN A 362 45.41 10.07 2.96
N LEU A 363 45.82 9.86 4.21
CA LEU A 363 46.08 10.97 5.10
C LEU A 363 46.98 11.95 4.36
N ASN A 364 46.63 13.23 4.40
CA ASN A 364 47.53 14.29 3.96
C ASN A 364 48.03 14.88 5.24
N SER A 365 49.27 14.60 5.59
CA SER A 365 49.81 15.00 6.90
C SER A 365 49.73 16.49 7.21
N MET A 366 49.61 17.32 6.18
CA MET A 366 49.49 18.78 6.33
C MET A 366 48.18 19.21 7.00
N ASN A 367 47.11 18.43 6.88
CA ASN A 367 45.82 18.84 7.44
C ASN A 367 45.07 17.78 8.22
N ASP A 368 43.77 18.00 8.38
CA ASP A 368 42.91 17.01 8.99
C ASP A 368 41.69 16.83 8.10
N GLY A 369 41.93 16.83 6.79
CA GLY A 369 40.92 16.48 5.79
C GLY A 369 40.45 15.06 5.98
N TRP A 370 41.37 14.21 6.41
CA TRP A 370 41.04 12.84 6.76
C TRP A 370 39.70 12.81 7.49
N TYR A 371 39.60 13.50 8.63
CA TYR A 371 38.36 13.50 9.44
C TYR A 371 37.07 13.63 8.64
N GLY A 372 37.12 14.46 7.59
CA GLY A 372 35.97 14.66 6.73
C GLY A 372 35.78 13.45 5.89
N ALA A 373 36.75 13.18 5.03
CA ALA A 373 36.67 12.09 4.07
C ALA A 373 36.43 10.77 4.79
N LEU A 374 36.71 10.73 6.10
CA LEU A 374 36.36 9.59 6.96
C LEU A 374 34.84 9.51 7.10
N LYS A 375 34.23 10.58 7.62
CA LYS A 375 32.77 10.69 7.85
C LYS A 375 32.02 10.30 6.58
N GLU A 376 32.23 11.08 5.52
CA GLU A 376 31.83 10.75 4.15
C GLU A 376 31.78 9.23 3.95
N ALA A 377 32.96 8.59 3.97
CA ALA A 377 33.12 7.15 3.66
C ALA A 377 32.35 6.21 4.57
N ILE A 378 32.37 6.50 5.87
CA ILE A 378 31.59 5.75 6.81
C ILE A 378 30.14 5.78 6.38
N GLN A 379 29.69 6.96 5.95
CA GLN A 379 28.28 7.24 5.74
C GLN A 379 27.87 7.02 4.30
N GLN A 380 28.82 6.57 3.48
CA GLN A 380 28.47 6.24 2.11
C GLN A 380 28.69 4.75 1.81
N GLN A 381 29.61 4.14 2.56
CA GLN A 381 29.66 2.68 2.70
C GLN A 381 28.37 2.14 3.38
N GLN A 382 27.92 2.81 4.42
CA GLN A 382 26.67 2.46 5.09
C GLN A 382 25.50 2.37 4.09
N ASN A 383 25.60 3.13 3.00
CA ASN A 383 24.61 3.09 1.91
C ASN A 383 25.07 2.16 0.79
N GLN A 384 25.94 1.22 1.12
CA GLN A 384 26.54 0.37 0.10
C GLN A 384 25.87 -0.97 0.13
N LEU A 385 25.61 -1.51 -1.05
CA LEU A 385 25.06 -2.83 -1.17
C LEU A 385 26.22 -3.76 -0.96
N VAL A 386 26.00 -4.78 -0.15
CA VAL A 386 27.05 -5.78 0.05
C VAL A 386 26.52 -7.14 -0.41
N TRP A 387 27.41 -8.12 -0.58
CA TRP A 387 26.95 -9.49 -0.81
C TRP A 387 26.75 -10.19 0.51
N VAL A 388 25.59 -10.82 0.66
CA VAL A 388 25.31 -11.66 1.82
C VAL A 388 24.75 -13.01 1.35
N SER A 389 24.90 -14.03 2.18
CA SER A 389 24.52 -15.41 1.82
C SER A 389 23.03 -15.62 1.88
N GLU A 390 22.63 -16.77 1.33
CA GLU A 390 21.23 -17.23 1.28
C GLU A 390 21.10 -18.78 1.19
N GLY A 391 22.17 -19.46 0.75
CA GLY A 391 22.20 -20.94 0.66
C GLY A 391 21.09 -21.65 -0.11
N PRO B 8 -21.52 30.21 2.04
CA PRO B 8 -22.78 29.71 2.57
C PRO B 8 -22.96 28.20 2.35
N SER B 9 -23.83 27.78 1.43
CA SER B 9 -24.24 26.37 1.35
C SER B 9 -23.22 25.40 0.72
N MET B 10 -23.69 24.19 0.42
CA MET B 10 -22.86 23.12 -0.13
C MET B 10 -23.19 22.89 -1.59
N LYS B 11 -22.18 23.01 -2.44
CA LYS B 11 -22.31 22.75 -3.88
C LYS B 11 -22.02 21.29 -4.24
N LEU B 12 -22.68 20.80 -5.28
CA LEU B 12 -22.40 19.49 -5.88
C LEU B 12 -22.00 19.76 -7.32
N VAL B 13 -20.75 19.41 -7.69
CA VAL B 13 -20.15 19.89 -8.95
C VAL B 13 -19.74 18.76 -9.89
N LYS B 14 -20.06 18.90 -11.18
CA LYS B 14 -19.55 17.97 -12.20
C LYS B 14 -18.39 18.57 -12.99
N PHE B 15 -17.51 17.70 -13.51
CA PHE B 15 -16.62 18.06 -14.62
C PHE B 15 -15.79 16.90 -15.17
N ARG B 16 -15.37 17.01 -16.44
CA ARG B 16 -14.49 16.02 -17.05
C ARG B 16 -13.04 16.23 -16.60
N LYS B 17 -12.39 15.15 -16.17
CA LYS B 17 -10.94 15.19 -16.04
C LYS B 17 -10.43 15.14 -17.46
N GLY B 18 -9.44 15.96 -17.76
CA GLY B 18 -8.74 15.91 -19.02
C GLY B 18 -7.32 16.34 -18.74
N ASP B 19 -6.46 15.36 -18.46
CA ASP B 19 -5.04 15.62 -18.18
C ASP B 19 -4.79 16.26 -16.82
N SER B 20 -5.83 16.81 -16.18
CA SER B 20 -5.76 17.18 -14.74
C SER B 20 -6.99 17.89 -14.13
N VAL B 21 -7.49 17.36 -13.01
CA VAL B 21 -8.52 18.10 -12.22
C VAL B 21 -7.93 19.38 -11.61
N GLY B 22 -6.62 19.56 -11.76
CA GLY B 22 -5.97 20.86 -11.55
C GLY B 22 -6.44 21.52 -10.28
N LEU B 23 -5.87 21.05 -9.18
CA LEU B 23 -6.42 21.22 -7.85
C LEU B 23 -5.31 20.86 -6.81
N ARG B 24 -4.40 21.77 -6.49
CA ARG B 24 -3.54 21.53 -5.32
C ARG B 24 -4.50 21.35 -4.14
N LEU B 25 -4.27 20.36 -3.28
CA LEU B 25 -5.13 20.19 -2.09
C LEU B 25 -4.37 20.47 -0.81
N ALA B 26 -5.06 21.04 0.18
CA ALA B 26 -4.50 21.30 1.50
C ALA B 26 -5.22 20.48 2.55
N GLY B 27 -4.79 20.59 3.81
CA GLY B 27 -5.45 19.86 4.90
C GLY B 27 -5.07 18.40 4.86
N GLY B 28 -5.93 17.56 5.41
CA GLY B 28 -5.73 16.10 5.39
C GLY B 28 -6.59 15.31 6.37
N ASN B 29 -6.26 14.02 6.51
CA ASN B 29 -7.00 13.03 7.30
C ASN B 29 -7.49 13.39 8.70
N ASP B 30 -6.89 14.42 9.31
CA ASP B 30 -7.40 14.92 10.60
C ASP B 30 -8.35 16.12 10.42
N VAL B 31 -8.00 17.04 9.52
CA VAL B 31 -8.78 18.27 9.34
C VAL B 31 -9.61 18.26 8.02
N GLY B 32 -9.44 17.19 7.23
CA GLY B 32 -10.13 17.03 5.94
C GLY B 32 -9.33 17.68 4.84
N ILE B 33 -9.93 17.83 3.66
CA ILE B 33 -9.17 18.30 2.50
C ILE B 33 -9.72 19.57 1.87
N PHE B 34 -9.10 20.70 2.19
CA PHE B 34 -9.43 21.98 1.55
C PHE B 34 -8.59 22.11 0.28
N VAL B 35 -9.06 22.92 -0.69
CA VAL B 35 -8.29 23.23 -1.90
C VAL B 35 -7.21 24.23 -1.59
N ALA B 36 -6.07 24.11 -2.22
CA ALA B 36 -4.98 25.04 -1.97
C ALA B 36 -5.07 26.12 -3.04
N GLY B 37 -5.71 25.76 -4.15
CA GLY B 37 -5.91 26.63 -5.29
C GLY B 37 -6.45 25.86 -6.46
N VAL B 38 -6.98 26.57 -7.46
CA VAL B 38 -7.45 25.96 -8.69
C VAL B 38 -6.72 26.56 -9.88
N LEU B 39 -6.72 25.83 -11.00
CA LEU B 39 -5.84 26.15 -12.09
C LEU B 39 -6.56 27.07 -13.03
N GLU B 40 -6.00 28.26 -13.24
CA GLU B 40 -6.66 29.33 -14.00
C GLU B 40 -6.96 28.82 -15.42
N ASP B 41 -8.19 29.02 -15.90
CA ASP B 41 -8.68 28.50 -17.20
C ASP B 41 -9.16 27.02 -17.18
N SER B 42 -9.24 26.42 -16.00
CA SER B 42 -9.43 24.95 -15.87
C SER B 42 -10.88 24.52 -15.70
N PRO B 43 -11.19 23.22 -15.99
CA PRO B 43 -12.56 22.74 -15.95
C PRO B 43 -13.08 22.70 -14.53
N ALA B 44 -12.17 22.56 -13.56
CA ALA B 44 -12.52 22.64 -12.14
C ALA B 44 -12.98 24.07 -11.89
N ALA B 45 -12.02 25.00 -11.91
CA ALA B 45 -12.29 26.43 -11.74
C ALA B 45 -13.35 27.00 -12.69
N LYS B 46 -13.61 26.33 -13.81
CA LYS B 46 -14.69 26.75 -14.71
C LYS B 46 -16.05 26.66 -14.00
N GLU B 47 -16.19 25.76 -13.02
CA GLU B 47 -17.29 25.87 -12.06
C GLU B 47 -16.84 26.64 -10.84
N GLY B 48 -17.54 26.43 -9.71
CA GLY B 48 -17.34 27.24 -8.51
C GLY B 48 -16.04 27.20 -7.70
N LEU B 49 -15.26 26.12 -7.86
CA LEU B 49 -14.22 25.77 -6.89
C LEU B 49 -13.08 26.78 -6.78
N GLU B 50 -12.64 27.04 -5.54
CA GLU B 50 -11.63 28.07 -5.23
C GLU B 50 -10.87 27.74 -3.96
N GLU B 51 -9.65 28.27 -3.83
CA GLU B 51 -8.87 28.14 -2.59
C GLU B 51 -9.78 28.47 -1.42
N GLY B 52 -9.85 27.57 -0.45
CA GLY B 52 -10.77 27.76 0.68
C GLY B 52 -12.06 26.95 0.62
N ASP B 53 -12.41 26.42 -0.56
CA ASP B 53 -13.43 25.37 -0.67
C ASP B 53 -13.04 24.09 0.12
N GLN B 54 -13.83 23.69 1.13
CA GLN B 54 -13.60 22.38 1.76
C GLN B 54 -14.09 21.35 0.77
N ILE B 55 -13.45 20.17 0.74
CA ILE B 55 -13.77 19.12 -0.23
C ILE B 55 -14.31 17.92 0.52
N LEU B 56 -15.62 17.71 0.42
CA LEU B 56 -16.30 16.74 1.31
C LEU B 56 -16.43 15.33 0.73
N ARG B 57 -17.18 15.17 -0.35
CA ARG B 57 -17.12 13.95 -1.13
C ARG B 57 -16.46 14.25 -2.48
N VAL B 58 -15.67 13.31 -3.01
CA VAL B 58 -15.21 13.33 -4.41
C VAL B 58 -15.51 11.95 -5.03
N ASN B 59 -16.45 11.89 -5.97
CA ASN B 59 -16.97 10.62 -6.50
C ASN B 59 -17.48 9.65 -5.43
N ASN B 60 -18.26 10.17 -4.48
CA ASN B 60 -18.65 9.48 -3.24
C ASN B 60 -17.54 9.33 -2.17
N VAL B 61 -16.25 9.46 -2.55
CA VAL B 61 -15.18 9.18 -1.58
C VAL B 61 -15.18 10.21 -0.47
N ASP B 62 -15.40 9.72 0.74
CA ASP B 62 -15.37 10.57 1.93
C ASP B 62 -14.02 11.25 1.96
N PHE B 63 -13.97 12.55 1.63
CA PHE B 63 -12.68 13.26 1.64
C PHE B 63 -12.38 13.93 2.97
N THR B 64 -13.38 14.00 3.84
CA THR B 64 -13.19 14.53 5.20
C THR B 64 -12.20 13.64 5.92
N ASN B 65 -11.88 12.50 5.32
CA ASN B 65 -11.31 11.37 6.04
C ASN B 65 -9.95 10.92 5.57
N ILE B 66 -9.39 11.64 4.60
CA ILE B 66 -8.43 11.01 3.72
C ILE B 66 -7.06 11.64 3.93
N ILE B 67 -6.03 10.83 3.76
CA ILE B 67 -4.67 11.24 4.00
C ILE B 67 -4.24 12.06 2.81
N ARG B 68 -3.75 13.28 3.08
CA ARG B 68 -3.47 14.25 2.02
C ARG B 68 -2.78 13.58 0.84
N GLU B 69 -1.75 12.78 1.09
CA GLU B 69 -1.12 12.06 -0.03
C GLU B 69 -2.16 11.26 -0.81
N GLU B 70 -2.91 10.42 -0.10
CA GLU B 70 -3.79 9.47 -0.76
C GLU B 70 -4.81 10.21 -1.62
N ALA B 71 -5.28 11.35 -1.14
CA ALA B 71 -6.12 12.19 -1.98
C ALA B 71 -5.39 12.60 -3.26
N VAL B 72 -4.20 13.19 -3.17
CA VAL B 72 -3.63 13.79 -4.37
C VAL B 72 -3.28 12.77 -5.45
N LEU B 73 -2.91 11.57 -5.03
CA LEU B 73 -2.78 10.41 -5.91
C LEU B 73 -4.13 9.93 -6.46
N PHE B 74 -5.21 10.16 -5.71
CA PHE B 74 -6.53 9.72 -6.16
C PHE B 74 -6.89 10.49 -7.43
N LEU B 75 -7.21 11.76 -7.25
CA LEU B 75 -7.35 12.71 -8.33
C LEU B 75 -6.23 12.60 -9.39
N LEU B 76 -5.02 12.19 -9.02
CA LEU B 76 -3.96 11.99 -10.02
C LEU B 76 -4.31 10.80 -10.86
N ASP B 77 -4.91 9.80 -10.22
CA ASP B 77 -5.03 8.48 -10.82
C ASP B 77 -6.18 8.38 -11.80
N LEU B 78 -7.24 9.16 -11.57
CA LEU B 78 -8.47 9.01 -12.38
C LEU B 78 -8.17 9.11 -13.87
N PRO B 79 -8.85 8.31 -14.68
CA PRO B 79 -8.54 8.28 -16.09
C PRO B 79 -8.71 9.67 -16.67
N LYS B 80 -7.80 10.06 -17.54
CA LYS B 80 -7.95 11.29 -18.28
C LYS B 80 -9.15 11.05 -19.14
N GLY B 81 -10.32 11.29 -18.55
CA GLY B 81 -11.59 11.14 -19.25
C GLY B 81 -12.76 11.03 -18.29
N GLU B 82 -12.46 10.88 -17.01
CA GLU B 82 -13.53 10.62 -16.03
C GLU B 82 -14.41 11.81 -15.74
N GLU B 83 -15.64 11.50 -15.40
CA GLU B 83 -16.61 12.50 -15.00
C GLU B 83 -16.55 12.57 -13.47
N VAL B 84 -15.62 13.38 -12.96
CA VAL B 84 -15.46 13.55 -11.52
C VAL B 84 -16.57 14.44 -10.98
N THR B 85 -17.33 13.91 -10.02
CA THR B 85 -18.28 14.71 -9.27
C THR B 85 -17.85 14.92 -7.82
N ILE B 86 -18.00 16.15 -7.33
CA ILE B 86 -17.43 16.64 -6.08
C ILE B 86 -18.49 17.38 -5.26
N LEU B 87 -18.43 17.27 -3.94
CA LEU B 87 -19.36 17.98 -3.08
C LEU B 87 -18.58 18.77 -2.06
N ALA B 88 -18.77 20.08 -2.06
CA ALA B 88 -17.81 20.99 -1.42
C ALA B 88 -18.51 22.14 -0.74
N GLN B 89 -17.81 22.88 0.11
CA GLN B 89 -18.42 23.92 0.94
C GLN B 89 -17.38 24.97 1.35
N LYS B 90 -17.79 26.25 1.39
CA LYS B 90 -16.83 27.36 1.41
C LYS B 90 -15.80 27.45 2.55
N LYS B 91 -16.23 27.41 3.81
CA LYS B 91 -15.30 27.38 4.98
C LYS B 91 -13.96 28.15 4.85
N LYS B 92 -14.06 29.49 4.76
CA LYS B 92 -12.88 30.37 4.61
C LYS B 92 -12.03 30.52 5.87
N ASP B 93 -12.64 31.05 6.96
CA ASP B 93 -11.93 31.25 8.24
C ASP B 93 -11.21 29.94 8.58
N VAL B 94 -11.94 28.84 8.41
CA VAL B 94 -11.48 27.48 8.72
C VAL B 94 -10.32 27.01 7.84
N TYR B 95 -10.38 27.27 6.53
CA TYR B 95 -9.22 27.00 5.67
C TYR B 95 -8.00 27.84 6.07
N ARG B 96 -8.23 29.13 6.30
CA ARG B 96 -7.14 30.07 6.57
C ARG B 96 -6.34 29.72 7.83
N ARG B 97 -7.02 29.27 8.88
CA ARG B 97 -6.34 28.83 10.10
C ARG B 97 -5.73 27.44 9.94
N ILE B 98 -5.99 26.79 8.80
CA ILE B 98 -5.36 25.51 8.47
C ILE B 98 -4.07 25.79 7.73
N VAL B 99 -4.11 26.79 6.87
CA VAL B 99 -2.97 27.10 6.00
C VAL B 99 -1.65 27.42 6.75
N GLU B 100 -1.75 27.92 7.98
CA GLU B 100 -0.57 28.24 8.80
C GLU B 100 -0.02 26.96 9.46
N SER B 101 -0.84 26.38 10.36
CA SER B 101 -0.46 25.18 11.11
C SER B 101 -0.39 23.94 10.20
N ASP B 102 0.84 23.62 9.78
CA ASP B 102 1.13 22.50 8.89
C ASP B 102 0.32 21.24 9.14
N VAL B 103 0.35 20.77 10.40
CA VAL B 103 -0.44 19.60 10.80
C VAL B 103 -1.74 19.60 10.03
N GLY B 104 -1.83 18.66 9.10
CA GLY B 104 -3.02 18.46 8.32
C GLY B 104 -3.35 17.00 8.31
N ASP B 105 -2.44 16.19 8.87
CA ASP B 105 -2.61 14.74 8.91
C ASP B 105 -2.24 14.23 10.29
N SER B 106 -2.94 13.21 10.76
CA SER B 106 -2.54 12.59 12.00
C SER B 106 -2.79 11.10 11.98
N PHE B 107 -1.70 10.33 11.99
CA PHE B 107 -1.74 8.88 12.16
C PHE B 107 -0.39 8.35 12.66
N TYR B 108 -0.29 7.03 12.85
CA TYR B 108 0.87 6.48 13.56
C TYR B 108 1.50 5.26 12.93
N ILE B 109 2.70 5.45 12.42
CA ILE B 109 3.46 4.36 11.83
C ILE B 109 4.61 4.04 12.76
N ARG B 110 4.94 2.76 12.81
CA ARG B 110 6.02 2.20 13.57
C ARG B 110 6.88 1.54 12.53
N THR B 111 8.14 1.97 12.50
CA THR B 111 9.08 1.68 11.43
C THR B 111 9.62 0.27 11.52
N HIS B 112 9.90 -0.33 10.37
CA HIS B 112 10.41 -1.70 10.35
C HIS B 112 11.60 -1.86 9.41
N PHE B 113 12.40 -0.80 9.30
CA PHE B 113 13.66 -0.88 8.56
C PHE B 113 14.65 0.21 9.01
N GLU B 114 15.74 0.34 8.27
CA GLU B 114 16.86 1.20 8.64
C GLU B 114 16.95 2.43 7.74
N TYR B 115 17.12 3.61 8.36
CA TYR B 115 17.13 4.86 7.61
C TYR B 115 17.91 5.98 8.32
N GLU B 116 18.96 6.43 7.66
CA GLU B 116 19.80 7.51 8.14
C GLU B 116 19.28 8.76 7.40
N LYS B 117 19.35 9.92 8.04
CA LYS B 117 18.79 11.10 7.39
C LYS B 117 19.72 11.66 6.33
N GLU B 118 19.17 12.36 5.34
CA GLU B 118 20.00 12.95 4.25
C GLU B 118 20.11 14.49 4.30
N SER B 119 19.32 15.10 5.19
CA SER B 119 19.36 16.54 5.47
C SER B 119 19.43 16.73 6.99
N PRO B 120 19.98 17.87 7.46
CA PRO B 120 19.90 18.09 8.93
C PRO B 120 18.45 18.17 9.48
N TYR B 121 17.50 17.66 8.70
CA TYR B 121 16.07 17.72 9.07
C TYR B 121 15.32 16.38 9.01
N GLY B 122 15.84 15.41 8.27
CA GLY B 122 15.27 14.05 8.32
C GLY B 122 15.30 13.46 9.73
N LEU B 123 14.52 12.41 9.96
CA LEU B 123 14.56 11.75 11.24
C LEU B 123 15.18 10.37 11.03
N SER B 124 16.19 10.03 11.84
CA SER B 124 16.88 8.74 11.70
C SER B 124 16.16 7.66 12.48
N PHE B 125 15.96 6.50 11.85
CA PHE B 125 15.30 5.44 12.60
C PHE B 125 15.86 4.03 12.43
N ASN B 126 15.73 3.26 13.51
CA ASN B 126 16.02 1.84 13.48
C ASN B 126 14.71 1.07 13.52
N LYS B 127 14.76 -0.25 13.33
CA LYS B 127 13.55 -1.06 13.37
C LYS B 127 12.82 -0.81 14.68
N GLY B 128 11.60 -0.27 14.61
CA GLY B 128 10.68 -0.28 15.74
C GLY B 128 10.49 1.02 16.50
N GLU B 129 10.29 2.13 15.78
CA GLU B 129 10.10 3.43 16.42
C GLU B 129 8.90 4.16 15.90
N VAL B 130 8.07 4.67 16.80
CA VAL B 130 6.83 5.29 16.38
C VAL B 130 7.01 6.75 16.04
N PHE B 131 6.32 7.16 14.97
CA PHE B 131 6.22 8.55 14.53
C PHE B 131 4.77 8.96 14.38
N ARG B 132 4.53 10.26 14.45
CA ARG B 132 3.27 10.83 14.08
C ARG B 132 3.45 11.51 12.73
N VAL B 133 2.90 10.88 11.71
CA VAL B 133 2.91 11.48 10.39
C VAL B 133 1.89 12.60 10.38
N VAL B 134 2.31 13.81 10.02
CA VAL B 134 1.44 14.96 10.18
C VAL B 134 1.33 15.75 8.91
N ASP B 135 2.08 15.34 7.88
CA ASP B 135 2.07 16.00 6.57
C ASP B 135 2.64 15.08 5.52
N THR B 136 1.77 14.40 4.77
CA THR B 136 2.21 13.37 3.84
C THR B 136 2.68 13.93 2.51
N LEU B 137 2.36 15.20 2.25
CA LEU B 137 2.84 15.85 1.04
C LEU B 137 3.95 16.85 1.30
N TYR B 138 4.96 16.50 2.10
CA TYR B 138 5.95 17.51 2.48
C TYR B 138 6.34 18.40 1.30
N ASN B 139 6.21 19.72 1.48
CA ASN B 139 6.53 20.75 0.46
C ASN B 139 5.35 20.94 -0.50
N GLY B 140 4.53 19.91 -0.64
CA GLY B 140 3.40 19.93 -1.59
C GLY B 140 3.71 18.97 -2.72
N LYS B 141 4.98 18.60 -2.80
CA LYS B 141 5.46 17.55 -3.70
C LYS B 141 5.38 16.18 -3.00
N LEU B 142 5.08 15.14 -3.79
CA LEU B 142 5.08 13.76 -3.30
C LEU B 142 6.45 13.39 -2.77
N GLY B 143 6.49 12.36 -1.92
CA GLY B 143 7.73 11.62 -1.68
C GLY B 143 8.42 11.82 -0.34
N SER B 144 7.93 12.75 0.46
CA SER B 144 8.47 12.94 1.79
C SER B 144 7.36 13.16 2.83
N TRP B 145 7.67 12.84 4.07
CA TRP B 145 6.68 12.90 5.12
C TRP B 145 7.23 13.70 6.28
N LEU B 146 6.49 14.73 6.68
CA LEU B 146 6.85 15.42 7.90
C LEU B 146 6.29 14.52 9.00
N ALA B 147 7.05 14.30 10.09
CA ALA B 147 6.61 13.44 11.19
C ALA B 147 7.20 13.90 12.52
N ILE B 148 6.77 13.26 13.61
CA ILE B 148 7.23 13.60 14.96
C ILE B 148 7.54 12.37 15.83
N ARG B 149 8.82 12.12 16.09
CA ARG B 149 9.26 10.97 16.91
C ARG B 149 8.56 10.93 18.26
N ILE B 150 8.05 9.77 18.63
CA ILE B 150 7.39 9.60 19.90
C ILE B 150 8.40 9.02 20.91
N GLY B 151 8.42 9.56 22.13
CA GLY B 151 9.28 9.10 23.23
C GLY B 151 8.53 8.55 24.44
N LYS B 152 9.12 8.74 25.62
CA LYS B 152 8.61 8.16 26.90
C LYS B 152 7.20 8.63 27.28
N ASN B 153 6.28 7.66 27.44
CA ASN B 153 4.85 7.96 27.74
C ASN B 153 4.27 8.88 26.68
N HIS B 154 4.46 8.52 25.42
CA HIS B 154 3.92 9.29 24.32
C HIS B 154 4.21 10.82 24.38
N LYS B 155 5.45 11.15 24.78
CA LYS B 155 6.01 12.47 24.53
C LYS B 155 6.13 12.58 23.02
N GLU B 156 5.94 13.77 22.47
CA GLU B 156 6.46 14.06 21.13
C GLU B 156 7.86 14.66 21.32
N VAL B 157 8.89 13.86 21.06
CA VAL B 157 10.27 14.30 21.27
C VAL B 157 10.83 15.29 20.25
N GLU B 158 10.72 14.97 18.95
CA GLU B 158 11.37 15.77 17.89
C GLU B 158 10.72 15.63 16.52
N ARG B 159 10.62 16.76 15.81
CA ARG B 159 10.01 16.86 14.47
C ARG B 159 10.96 16.62 13.34
N GLY B 160 10.43 16.50 12.13
CA GLY B 160 11.28 16.41 10.94
C GLY B 160 10.78 15.44 9.89
N ILE B 161 11.33 15.54 8.69
CA ILE B 161 10.88 14.73 7.57
C ILE B 161 11.41 13.30 7.67
N ILE B 162 10.71 12.38 7.04
CA ILE B 162 11.15 11.01 6.87
C ILE B 162 10.63 10.57 5.51
N PRO B 163 11.22 9.53 4.90
CA PRO B 163 10.67 9.28 3.58
C PRO B 163 9.18 8.85 3.64
N ASN B 164 8.42 9.01 2.55
CA ASN B 164 7.00 8.56 2.49
C ASN B 164 6.84 7.04 2.66
N LYS B 165 5.64 6.50 2.46
CA LYS B 165 5.47 5.07 2.66
C LYS B 165 6.00 4.27 1.48
N ASN B 166 5.88 4.80 0.27
CA ASN B 166 6.42 4.09 -0.91
C ASN B 166 7.96 4.06 -0.97
N ARG B 167 8.59 5.23 -1.08
CA ARG B 167 10.06 5.25 -0.92
C ARG B 167 10.46 4.28 0.16
N ALA B 168 9.88 4.43 1.35
CA ALA B 168 10.15 3.49 2.47
C ALA B 168 10.03 2.02 2.05
N GLU B 169 8.86 1.62 1.56
CA GLU B 169 8.62 0.25 1.07
C GLU B 169 9.65 -0.19 0.03
N GLN B 170 10.42 0.77 -0.51
CA GLN B 170 11.45 0.46 -1.54
C GLN B 170 12.88 0.51 -1.03
N LEU B 171 13.12 1.26 0.04
CA LEU B 171 14.44 1.30 0.66
C LEU B 171 14.63 0.11 1.60
N ALA B 172 13.56 -0.33 2.23
CA ALA B 172 13.61 -1.50 3.10
C ALA B 172 13.67 -2.86 2.37
N SER B 173 13.58 -2.89 1.05
CA SER B 173 13.41 -4.19 0.42
C SER B 173 14.75 -4.83 0.11
N VAL B 174 15.81 -4.03 0.26
CA VAL B 174 17.16 -4.48 -0.02
C VAL B 174 18.06 -4.29 1.17
N GLN B 175 17.50 -4.40 2.36
CA GLN B 175 18.33 -4.42 3.56
C GLN B 175 18.29 -5.82 4.13
N TYR B 176 19.20 -6.14 5.03
CA TYR B 176 19.10 -7.39 5.74
C TYR B 176 19.18 -7.14 7.25
N THR B 177 19.01 -8.20 8.02
CA THR B 177 18.89 -8.11 9.47
C THR B 177 20.18 -8.57 10.14
N LEU B 178 20.42 -8.06 11.35
CA LEU B 178 21.55 -8.42 12.21
C LEU B 178 21.53 -9.92 12.57
N PRO B 179 22.23 -10.79 11.79
CA PRO B 179 22.08 -12.24 11.97
C PRO B 179 22.93 -12.79 13.12
N LYS B 180 23.09 -14.12 13.23
CA LYS B 180 23.87 -14.72 14.35
C LYS B 180 25.26 -15.31 14.03
N THR B 181 25.32 -16.59 13.65
CA THR B 181 26.61 -17.28 13.38
C THR B 181 27.89 -16.48 13.75
N PHE B 218 5.43 -7.81 7.05
CA PHE B 218 6.64 -7.13 7.52
C PHE B 218 6.70 -5.69 6.95
N PRO B 219 5.62 -4.91 7.13
CA PRO B 219 5.55 -3.75 6.23
C PRO B 219 6.58 -2.71 6.60
N ALA B 220 7.28 -2.14 5.61
CA ALA B 220 8.31 -1.15 5.87
C ALA B 220 7.81 -0.12 6.87
N TYR B 221 6.55 0.26 6.75
CA TYR B 221 5.81 0.92 7.83
C TYR B 221 4.61 0.07 8.17
N GLU B 222 4.33 -0.02 9.47
CA GLU B 222 3.21 -0.73 10.02
C GLU B 222 2.33 0.33 10.62
N ARG B 223 1.03 0.24 10.37
CA ARG B 223 0.13 1.31 10.76
C ARG B 223 -0.50 1.01 12.13
N VAL B 224 -0.06 1.75 13.14
CA VAL B 224 -0.43 1.47 14.53
C VAL B 224 -1.45 2.47 15.09
N VAL B 225 -2.39 1.99 15.89
CA VAL B 225 -3.28 2.84 16.70
C VAL B 225 -3.11 2.45 18.17
N LEU B 226 -3.26 3.44 19.06
CA LEU B 226 -3.18 3.26 20.52
C LEU B 226 -4.42 2.55 21.07
N ARG B 227 -4.26 1.31 21.51
CA ARG B 227 -5.42 0.52 21.98
C ARG B 227 -5.22 -0.10 23.37
N GLU B 228 -6.28 -0.77 23.85
CA GLU B 228 -6.21 -1.63 25.02
C GLU B 228 -7.40 -2.58 25.07
N GLN B 382 -2.73 -2.48 36.32
CA GLN B 382 -2.05 -1.41 37.07
C GLN B 382 -1.55 -0.24 36.22
N ASN B 383 -1.42 -0.44 34.90
CA ASN B 383 -0.76 0.52 33.99
C ASN B 383 -1.34 0.72 32.57
N GLN B 384 -0.77 1.70 31.88
CA GLN B 384 -0.45 1.70 30.42
C GLN B 384 -1.50 1.65 29.28
N LEU B 385 -0.97 1.96 28.09
CA LEU B 385 -1.60 1.85 26.76
C LEU B 385 -0.56 1.29 25.76
N VAL B 386 -1.00 0.54 24.74
CA VAL B 386 -0.05 0.04 23.70
C VAL B 386 -0.28 0.55 22.28
N TRP B 387 0.69 0.30 21.40
CA TRP B 387 0.53 0.53 19.96
C TRP B 387 0.17 -0.79 19.26
N VAL B 388 -0.92 -0.78 18.50
CA VAL B 388 -1.43 -1.98 17.83
C VAL B 388 -1.51 -1.76 16.30
N SER B 389 -1.15 -2.76 15.50
CA SER B 389 -1.37 -2.66 14.05
C SER B 389 -2.86 -2.47 13.80
N GLU B 390 -3.19 -1.68 12.77
CA GLU B 390 -4.58 -1.29 12.51
C GLU B 390 -4.69 -0.44 11.24
N HIS C 3 -0.07 27.04 15.39
CA HIS C 3 1.38 27.15 15.67
C HIS C 3 2.05 25.78 15.45
N MET C 4 2.91 25.35 16.38
CA MET C 4 3.59 24.03 16.30
C MET C 4 4.12 23.53 17.68
N ILE C 5 3.22 23.42 18.66
CA ILE C 5 3.58 23.10 20.05
C ILE C 5 3.73 21.60 20.30
N LEU C 6 4.89 21.20 20.86
CA LEU C 6 5.22 19.78 21.12
C LEU C 6 4.53 19.16 22.34
N ARG C 7 3.56 18.27 22.04
CA ARG C 7 2.78 17.59 23.05
C ARG C 7 3.68 16.90 24.07
N PRO C 8 3.48 17.20 25.37
CA PRO C 8 4.32 16.59 26.41
C PRO C 8 3.92 15.14 26.66
N SER C 9 4.59 14.46 27.60
CA SER C 9 4.25 13.07 27.95
C SER C 9 2.88 12.96 28.62
N MET C 10 2.41 11.72 28.79
CA MET C 10 1.03 11.45 29.28
C MET C 10 0.88 11.46 30.80
N LYS C 11 -0.09 12.25 31.25
CA LYS C 11 -0.48 12.34 32.65
C LYS C 11 -1.51 11.27 33.01
N LEU C 12 -1.19 10.44 33.99
CA LEU C 12 -2.14 9.53 34.62
C LEU C 12 -2.42 10.11 36.01
N VAL C 13 -3.57 10.75 36.16
CA VAL C 13 -3.86 11.51 37.36
C VAL C 13 -4.99 10.89 38.16
N LYS C 14 -4.68 10.52 39.41
CA LYS C 14 -5.60 9.86 40.31
C LYS C 14 -6.02 10.76 41.47
N PHE C 15 -7.34 10.84 41.74
CA PHE C 15 -7.86 11.67 42.85
C PHE C 15 -9.22 11.24 43.47
N ARG C 16 -9.50 11.74 44.66
CA ARG C 16 -10.76 11.49 45.38
C ARG C 16 -11.88 12.46 44.95
N LYS C 17 -12.95 11.90 44.40
CA LYS C 17 -14.07 12.69 43.88
C LYS C 17 -14.94 13.22 45.01
N GLY C 18 -15.08 14.54 45.08
CA GLY C 18 -16.00 15.16 46.02
C GLY C 18 -17.41 15.21 45.42
N ASP C 19 -18.16 16.26 45.78
CA ASP C 19 -19.53 16.47 45.29
C ASP C 19 -19.62 16.38 43.76
N SER C 20 -18.61 16.94 43.10
CA SER C 20 -18.41 16.78 41.67
C SER C 20 -17.00 16.27 41.40
N VAL C 21 -16.66 16.11 40.12
CA VAL C 21 -15.29 15.87 39.70
C VAL C 21 -14.54 17.22 39.57
N GLY C 22 -15.23 18.25 39.07
CA GLY C 22 -14.64 19.58 38.87
C GLY C 22 -13.88 19.71 37.56
N LEU C 23 -14.55 19.36 36.46
CA LEU C 23 -13.96 19.23 35.12
C LEU C 23 -15.02 19.63 34.11
N ARG C 24 -14.77 20.66 33.31
CA ARG C 24 -15.71 21.06 32.26
C ARG C 24 -15.35 20.37 30.95
N LEU C 25 -16.27 19.62 30.38
CA LEU C 25 -15.97 18.81 29.21
C LEU C 25 -16.33 19.51 27.90
N ALA C 26 -15.34 20.11 27.24
CA ALA C 26 -15.50 20.51 25.85
C ALA C 26 -15.06 19.35 24.98
N GLY C 27 -15.52 19.30 23.74
CA GLY C 27 -15.12 18.25 22.81
C GLY C 27 -16.26 17.44 22.26
N GLY C 28 -16.00 16.17 21.94
CA GLY C 28 -17.04 15.34 21.33
C GLY C 28 -16.53 14.09 20.65
N ASN C 29 -17.45 13.24 20.23
CA ASN C 29 -17.09 11.95 19.65
C ASN C 29 -16.10 12.05 18.49
N ASP C 30 -16.32 13.04 17.64
CA ASP C 30 -15.45 13.38 16.51
C ASP C 30 -14.00 13.64 16.97
N VAL C 31 -13.78 14.75 17.66
CA VAL C 31 -12.42 15.24 17.96
C VAL C 31 -11.80 14.71 19.24
N GLY C 32 -12.64 14.28 20.19
CA GLY C 32 -12.17 13.81 21.50
C GLY C 32 -12.52 14.80 22.60
N ILE C 33 -12.60 14.31 23.84
CA ILE C 33 -12.98 15.15 24.99
C ILE C 33 -11.79 15.89 25.61
N PHE C 34 -11.99 17.17 25.92
CA PHE C 34 -10.95 18.04 26.43
C PHE C 34 -11.42 18.74 27.69
N VAL C 35 -10.50 18.97 28.62
CA VAL C 35 -10.82 19.71 29.84
C VAL C 35 -11.02 21.20 29.50
N ALA C 36 -12.28 21.60 29.37
CA ALA C 36 -12.63 22.96 28.99
C ALA C 36 -12.24 23.98 30.05
N GLY C 37 -12.50 23.64 31.30
CA GLY C 37 -12.09 24.48 32.42
C GLY C 37 -11.84 23.62 33.65
N VAL C 38 -10.88 24.05 34.45
CA VAL C 38 -10.68 23.47 35.77
C VAL C 38 -10.89 24.57 36.81
N LEU C 39 -11.72 24.30 37.81
CA LEU C 39 -11.95 25.24 38.92
C LEU C 39 -10.70 25.26 39.80
N GLU C 40 -10.47 26.40 40.45
CA GLU C 40 -9.32 26.58 41.32
C GLU C 40 -9.37 25.57 42.46
N ASP C 41 -8.18 25.08 42.83
CA ASP C 41 -7.96 24.29 44.05
C ASP C 41 -8.34 22.81 43.92
N SER C 42 -9.61 22.53 43.57
CA SER C 42 -10.19 21.17 43.46
C SER C 42 -9.22 20.01 43.19
N PRO C 43 -9.57 18.79 43.66
CA PRO C 43 -8.73 17.61 43.45
C PRO C 43 -8.37 17.37 41.97
N ALA C 44 -9.20 17.85 41.06
CA ALA C 44 -8.87 17.93 39.64
C ALA C 44 -7.56 18.69 39.44
N ALA C 45 -7.59 20.00 39.73
CA ALA C 45 -6.43 20.87 39.63
C ALA C 45 -5.37 20.52 40.68
N LYS C 46 -5.74 19.70 41.66
CA LYS C 46 -4.79 19.31 42.71
C LYS C 46 -3.53 18.81 42.06
N GLU C 47 -3.67 17.70 41.33
CA GLU C 47 -2.65 17.17 40.44
C GLU C 47 -2.85 17.91 39.11
N GLY C 48 -1.78 18.03 38.33
CA GLY C 48 -1.75 18.94 37.17
C GLY C 48 -2.75 18.72 36.04
N LEU C 49 -4.04 18.84 36.35
CA LEU C 49 -5.07 18.86 35.30
C LEU C 49 -5.38 20.28 34.85
N GLU C 50 -4.98 20.59 33.62
CA GLU C 50 -5.21 21.93 33.08
C GLU C 50 -6.11 21.91 31.85
N GLU C 51 -6.82 23.02 31.66
CA GLU C 51 -7.58 23.29 30.44
C GLU C 51 -6.75 22.90 29.23
N GLY C 52 -7.29 22.02 28.40
CA GLY C 52 -6.60 21.64 27.16
C GLY C 52 -6.14 20.20 27.10
N ASP C 53 -5.80 19.61 28.24
CA ASP C 53 -5.50 18.18 28.30
C ASP C 53 -6.63 17.39 27.65
N GLN C 54 -6.31 16.51 26.72
CA GLN C 54 -7.32 15.61 26.19
C GLN C 54 -7.57 14.50 27.18
N ILE C 55 -8.81 14.39 27.66
CA ILE C 55 -9.20 13.29 28.55
C ILE C 55 -9.18 11.98 27.78
N LEU C 56 -8.04 11.29 27.81
CA LEU C 56 -7.92 10.06 27.04
C LEU C 56 -8.71 8.90 27.65
N ARG C 57 -8.78 8.87 28.98
CA ARG C 57 -9.39 7.76 29.71
C ARG C 57 -9.89 8.25 31.07
N VAL C 58 -10.82 7.49 31.69
CA VAL C 58 -11.36 7.84 33.04
C VAL C 58 -11.79 6.59 33.81
N ASN C 59 -10.87 6.05 34.59
CA ASN C 59 -10.95 4.69 35.15
C ASN C 59 -11.14 3.69 34.01
N ASN C 60 -10.02 3.30 33.39
CA ASN C 60 -10.02 2.36 32.26
C ASN C 60 -11.24 2.32 31.33
N VAL C 61 -11.72 3.49 30.91
CA VAL C 61 -12.74 3.61 29.86
C VAL C 61 -12.38 4.69 28.83
N ASP C 62 -12.55 4.37 27.54
CA ASP C 62 -12.01 5.19 26.45
C ASP C 62 -12.87 6.41 26.10
N PHE C 63 -12.40 7.58 26.50
CA PHE C 63 -13.06 8.86 26.22
C PHE C 63 -12.48 9.51 24.95
N THR C 64 -12.24 8.70 23.93
CA THR C 64 -11.55 9.22 22.75
C THR C 64 -12.50 9.18 21.56
N ASN C 65 -13.48 8.28 21.62
CA ASN C 65 -14.42 8.09 20.51
C ASN C 65 -15.88 7.95 21.00
N ILE C 66 -16.17 8.67 22.08
CA ILE C 66 -17.43 8.55 22.79
C ILE C 66 -18.00 9.95 22.76
N ILE C 67 -19.33 10.06 22.84
CA ILE C 67 -20.05 11.34 22.71
C ILE C 67 -19.67 12.29 23.85
N ARG C 68 -20.08 13.54 23.78
CA ARG C 68 -19.79 14.50 24.85
C ARG C 68 -20.79 14.40 26.04
N GLU C 69 -22.03 14.08 25.72
CA GLU C 69 -23.07 13.88 26.71
C GLU C 69 -22.66 12.73 27.64
N GLU C 70 -22.40 11.56 27.03
CA GLU C 70 -22.07 10.33 27.76
C GLU C 70 -20.88 10.54 28.68
N ALA C 71 -20.01 11.46 28.26
CA ALA C 71 -18.78 11.78 28.97
C ALA C 71 -19.00 12.59 30.24
N VAL C 72 -20.00 13.47 30.25
CA VAL C 72 -20.37 14.10 31.52
C VAL C 72 -21.34 13.19 32.31
N LEU C 73 -22.11 12.39 31.58
CA LEU C 73 -22.97 11.33 32.15
C LEU C 73 -22.16 10.30 32.91
N PHE C 74 -20.88 10.22 32.61
CA PHE C 74 -19.98 9.36 33.35
C PHE C 74 -19.61 10.06 34.65
N LEU C 75 -19.00 11.25 34.50
CA LEU C 75 -18.39 11.97 35.63
C LEU C 75 -19.30 12.18 36.85
N LEU C 76 -20.61 12.32 36.58
CA LEU C 76 -21.59 12.34 37.67
C LEU C 76 -21.66 10.96 38.34
N ASP C 77 -22.33 10.01 37.70
CA ASP C 77 -22.54 8.65 38.25
C ASP C 77 -21.35 8.03 38.99
N LEU C 78 -20.13 8.41 38.60
CA LEU C 78 -18.93 7.99 39.31
C LEU C 78 -19.11 8.21 40.83
N PRO C 79 -18.93 7.14 41.64
CA PRO C 79 -19.07 7.16 43.10
C PRO C 79 -18.49 8.41 43.79
N LYS C 80 -19.15 8.86 44.83
CA LYS C 80 -18.74 10.07 45.57
C LYS C 80 -17.86 9.65 46.75
N GLY C 81 -16.94 8.73 46.47
CA GLY C 81 -15.88 8.36 47.40
C GLY C 81 -14.75 7.80 46.59
N GLU C 82 -14.88 7.98 45.27
CA GLU C 82 -14.05 7.35 44.23
C GLU C 82 -12.55 7.64 44.32
N GLU C 83 -11.77 6.66 43.89
CA GLU C 83 -10.41 6.90 43.45
C GLU C 83 -10.46 6.99 41.93
N VAL C 84 -10.62 8.22 41.42
CA VAL C 84 -10.66 8.53 39.98
C VAL C 84 -9.31 8.35 39.29
N THR C 85 -9.24 7.48 38.29
CA THR C 85 -8.06 7.43 37.42
C THR C 85 -8.32 7.97 36.00
N ILE C 86 -7.92 9.21 35.78
CA ILE C 86 -7.93 9.83 34.47
C ILE C 86 -6.61 9.53 33.77
N LEU C 87 -6.61 9.66 32.44
CA LEU C 87 -5.39 9.69 31.66
C LEU C 87 -5.55 10.81 30.65
N ALA C 88 -4.57 11.70 30.60
CA ALA C 88 -4.68 12.93 29.81
C ALA C 88 -3.40 13.35 29.09
N GLN C 89 -3.52 14.16 28.04
CA GLN C 89 -2.36 14.77 27.38
C GLN C 89 -2.64 16.15 26.86
N LYS C 90 -1.65 17.03 26.99
CA LYS C 90 -1.88 18.46 26.79
C LYS C 90 -2.39 18.83 25.40
N LYS C 91 -1.96 18.11 24.37
CA LYS C 91 -2.47 18.33 23.01
C LYS C 91 -3.00 19.75 22.79
N LYS C 92 -2.14 20.77 22.90
CA LYS C 92 -2.64 22.14 22.96
C LYS C 92 -3.11 22.73 21.64
N ASP C 93 -2.27 22.65 20.62
CA ASP C 93 -2.66 23.11 19.29
C ASP C 93 -4.00 22.46 18.90
N VAL C 94 -4.06 21.13 19.06
CA VAL C 94 -5.28 20.36 18.77
C VAL C 94 -6.44 20.69 19.70
N TYR C 95 -6.16 21.38 20.81
CA TYR C 95 -7.23 21.93 21.66
C TYR C 95 -7.79 23.20 21.04
N ARG C 96 -6.95 23.94 20.34
CA ARG C 96 -7.39 25.20 19.72
C ARG C 96 -8.21 25.04 18.44
N ARG C 97 -7.99 23.97 17.66
CA ARG C 97 -8.88 23.62 16.53
C ARG C 97 -10.33 23.56 17.00
N ILE C 98 -10.54 22.94 18.16
CA ILE C 98 -11.85 22.70 18.77
C ILE C 98 -12.52 24.03 19.10
N VAL C 99 -11.85 24.81 19.94
CA VAL C 99 -12.36 26.07 20.47
C VAL C 99 -12.84 27.02 19.37
N GLU C 100 -11.96 27.30 18.40
CA GLU C 100 -12.22 28.27 17.33
C GLU C 100 -13.49 28.01 16.51
N SER C 101 -13.53 26.88 15.82
CA SER C 101 -14.70 26.46 15.03
C SER C 101 -15.62 25.63 15.91
N ASP C 102 -16.05 26.20 17.03
CA ASP C 102 -16.60 25.41 18.13
C ASP C 102 -17.12 24.04 17.64
N VAL C 103 -16.23 23.03 17.68
CA VAL C 103 -16.63 21.66 17.32
C VAL C 103 -16.82 20.74 18.51
N GLY C 104 -18.04 20.24 18.64
CA GLY C 104 -18.37 19.20 19.61
C GLY C 104 -18.38 17.84 18.94
N ASP C 105 -19.57 17.32 18.74
CA ASP C 105 -19.77 15.95 18.25
C ASP C 105 -20.01 15.94 16.75
N SER C 106 -19.99 14.75 16.16
CA SER C 106 -20.36 14.59 14.76
C SER C 106 -20.66 13.14 14.43
N PHE C 107 -21.95 12.90 14.16
CA PHE C 107 -22.52 11.61 13.82
C PHE C 107 -23.93 11.86 13.24
N TYR C 108 -24.44 10.87 12.51
CA TYR C 108 -25.67 11.07 11.77
C TYR C 108 -26.77 10.18 12.34
N ILE C 109 -27.90 10.76 12.76
CA ILE C 109 -29.06 9.98 13.24
C ILE C 109 -30.19 10.04 12.24
N ARG C 110 -30.93 8.95 12.13
CA ARG C 110 -32.05 8.85 11.19
C ARG C 110 -33.35 8.62 11.95
N THR C 111 -34.20 9.64 12.00
CA THR C 111 -35.41 9.65 12.84
C THR C 111 -36.53 8.75 12.34
N HIS C 112 -37.24 8.10 13.28
CA HIS C 112 -38.47 7.32 12.98
C HIS C 112 -39.71 7.76 13.79
N PHE C 113 -39.91 9.06 13.94
CA PHE C 113 -41.13 9.56 14.57
C PHE C 113 -41.44 11.02 14.19
N GLU C 114 -42.36 11.63 14.92
CA GLU C 114 -42.91 12.95 14.58
C GLU C 114 -42.58 14.00 15.66
N TYR C 115 -41.63 14.89 15.37
CA TYR C 115 -41.34 15.99 16.31
C TYR C 115 -41.73 17.33 15.69
N GLU C 116 -42.41 18.16 16.49
CA GLU C 116 -42.70 19.52 16.11
C GLU C 116 -41.83 20.42 16.97
N LYS C 117 -41.25 21.44 16.36
CA LYS C 117 -40.44 22.36 17.15
C LYS C 117 -41.26 23.03 18.25
N GLU C 118 -40.71 22.99 19.46
CA GLU C 118 -41.15 23.86 20.54
C GLU C 118 -40.04 24.90 20.76
N SER C 119 -39.95 25.83 19.81
CA SER C 119 -38.93 26.88 19.78
C SER C 119 -39.02 27.62 18.44
N PRO C 120 -38.48 28.85 18.37
CA PRO C 120 -38.19 29.39 17.04
C PRO C 120 -36.93 28.73 16.48
N TYR C 121 -36.09 28.23 17.40
CA TYR C 121 -34.80 27.65 17.07
C TYR C 121 -34.82 26.13 17.26
N GLY C 122 -35.91 25.49 16.84
CA GLY C 122 -36.01 24.02 16.84
C GLY C 122 -36.16 23.48 15.44
N LEU C 123 -36.39 22.17 15.29
CA LEU C 123 -36.45 21.55 13.96
C LEU C 123 -37.41 20.37 13.83
N SER C 124 -38.62 20.63 13.33
CA SER C 124 -39.62 19.57 13.14
C SER C 124 -39.09 18.47 12.21
N PHE C 125 -39.67 17.28 12.26
CA PHE C 125 -39.30 16.20 11.32
C PHE C 125 -40.36 15.09 11.20
N ASN C 126 -40.28 14.34 10.12
CA ASN C 126 -41.17 13.20 9.88
C ASN C 126 -40.27 11.95 9.83
N LYS C 127 -40.87 10.75 9.78
CA LYS C 127 -40.08 9.52 9.70
C LYS C 127 -39.06 9.56 8.57
N GLY C 128 -37.93 8.88 8.77
CA GLY C 128 -36.96 8.63 7.70
C GLY C 128 -36.06 9.78 7.28
N GLU C 129 -36.00 10.84 8.09
CA GLU C 129 -35.09 11.94 7.82
C GLU C 129 -33.79 11.79 8.60
N VAL C 130 -32.68 12.22 8.01
CA VAL C 130 -31.37 12.15 8.65
C VAL C 130 -30.90 13.52 9.15
N PHE C 131 -30.39 13.57 10.39
CA PHE C 131 -29.74 14.77 10.92
C PHE C 131 -28.23 14.57 11.09
N ARG C 132 -27.53 15.64 11.46
CA ARG C 132 -26.11 15.59 11.72
C ARG C 132 -25.90 16.36 13.02
N VAL C 133 -25.59 15.62 14.08
CA VAL C 133 -25.49 16.20 15.42
C VAL C 133 -24.12 16.84 15.60
N VAL C 134 -24.09 18.14 15.86
CA VAL C 134 -22.83 18.84 16.08
C VAL C 134 -22.49 19.07 17.56
N ASP C 135 -23.52 19.16 18.41
CA ASP C 135 -23.31 19.36 19.85
C ASP C 135 -24.41 18.63 20.64
N THR C 136 -23.98 17.76 21.56
CA THR C 136 -24.92 16.88 22.24
C THR C 136 -25.07 17.22 23.72
N LEU C 137 -25.20 18.51 24.00
CA LEU C 137 -25.40 19.07 25.33
C LEU C 137 -25.55 20.54 25.05
N TYR C 138 -26.70 20.94 24.51
CA TYR C 138 -26.81 22.30 24.02
C TYR C 138 -26.74 23.36 25.14
N ASN C 139 -25.71 24.22 25.02
CA ASN C 139 -25.31 25.22 26.04
C ASN C 139 -24.34 24.73 27.13
N GLY C 140 -23.91 23.47 27.03
CA GLY C 140 -23.28 22.76 28.15
C GLY C 140 -24.33 22.52 29.23
N LYS C 141 -25.60 22.54 28.81
CA LYS C 141 -26.75 22.53 29.70
C LYS C 141 -27.69 21.42 29.20
N LEU C 142 -27.49 20.23 29.75
CA LEU C 142 -28.18 19.00 29.34
C LEU C 142 -29.68 19.20 29.07
N GLY C 143 -30.16 18.60 27.99
CA GLY C 143 -31.61 18.58 27.70
C GLY C 143 -31.98 18.87 26.25
N SER C 144 -30.97 19.02 25.41
CA SER C 144 -31.16 19.45 24.01
C SER C 144 -29.95 19.09 23.16
N TRP C 145 -30.19 18.69 21.91
CA TRP C 145 -29.12 18.47 20.92
C TRP C 145 -29.10 19.59 19.85
N LEU C 146 -27.91 20.07 19.51
CA LEU C 146 -27.73 20.96 18.36
C LEU C 146 -27.44 20.07 17.17
N ALA C 147 -28.29 20.14 16.15
CA ALA C 147 -28.20 19.27 14.98
C ALA C 147 -28.39 20.05 13.69
N ILE C 148 -28.17 19.40 12.54
CA ILE C 148 -28.24 20.06 11.22
C ILE C 148 -28.93 19.14 10.19
N ARG C 149 -29.87 19.67 9.42
CA ARG C 149 -30.72 18.81 8.57
C ARG C 149 -30.09 18.43 7.21
N ILE C 150 -30.02 17.14 6.89
CA ILE C 150 -29.62 16.74 5.53
C ILE C 150 -30.75 16.98 4.53
N GLY C 151 -30.39 17.20 3.27
CA GLY C 151 -31.35 17.39 2.19
C GLY C 151 -31.02 16.58 0.96
N LYS C 152 -31.38 17.12 -0.21
CA LYS C 152 -31.08 16.46 -1.50
C LYS C 152 -29.59 16.41 -1.78
N ASN C 153 -29.16 15.29 -2.34
CA ASN C 153 -27.74 15.04 -2.68
C ASN C 153 -26.79 15.14 -1.47
N HIS C 154 -27.35 14.81 -0.29
CA HIS C 154 -26.63 14.72 0.99
C HIS C 154 -26.09 16.05 1.59
N LYS C 155 -26.70 17.18 1.22
CA LYS C 155 -26.30 18.54 1.67
C LYS C 155 -26.88 18.95 3.03
N GLU C 156 -26.09 19.56 3.90
CA GLU C 156 -26.64 20.21 5.10
C GLU C 156 -27.54 21.36 4.63
N VAL C 157 -28.54 21.75 5.43
CA VAL C 157 -29.64 22.63 4.94
C VAL C 157 -30.16 23.67 5.93
N GLU C 158 -30.54 23.19 7.11
CA GLU C 158 -31.23 23.99 8.13
C GLU C 158 -30.52 23.70 9.47
N ARG C 159 -30.19 24.73 10.26
CA ARG C 159 -29.55 24.50 11.57
C ARG C 159 -30.51 24.77 12.75
N GLY C 160 -30.48 23.91 13.76
CA GLY C 160 -31.29 24.14 14.97
C GLY C 160 -31.28 23.00 15.99
N ILE C 161 -32.23 23.07 16.94
CA ILE C 161 -32.29 22.07 18.03
C ILE C 161 -33.32 20.94 17.81
N ILE C 162 -32.86 19.72 18.04
CA ILE C 162 -33.72 18.54 18.07
C ILE C 162 -33.42 17.87 19.41
N PRO C 163 -34.44 17.29 20.08
CA PRO C 163 -34.24 16.75 21.42
C PRO C 163 -33.26 15.58 21.47
N ASN C 164 -32.62 15.38 22.62
CA ASN C 164 -31.66 14.28 22.81
C ASN C 164 -32.26 12.88 22.67
N LYS C 165 -31.41 11.87 22.46
CA LYS C 165 -31.84 10.48 22.23
C LYS C 165 -32.75 10.00 23.33
N ASN C 166 -32.63 10.63 24.49
CA ASN C 166 -33.37 10.23 25.67
C ASN C 166 -34.75 10.84 25.66
N ARG C 167 -34.82 12.16 25.45
CA ARG C 167 -36.12 12.84 25.30
C ARG C 167 -36.84 12.29 24.07
N ALA C 168 -36.09 11.79 23.10
CA ALA C 168 -36.66 11.28 21.84
C ALA C 168 -37.20 9.86 21.92
N GLU C 169 -36.60 9.01 22.75
CA GLU C 169 -37.08 7.64 22.89
C GLU C 169 -38.38 7.60 23.72
N GLN C 170 -38.64 8.67 24.46
CA GLN C 170 -39.92 8.89 25.13
C GLN C 170 -41.01 9.02 24.07
N LEU C 171 -40.80 9.99 23.20
CA LEU C 171 -41.85 10.49 22.31
C LEU C 171 -42.31 9.49 21.26
N ALA C 172 -41.37 8.72 20.72
CA ALA C 172 -41.71 7.64 19.78
C ALA C 172 -42.51 6.54 20.48
N SER C 173 -42.28 6.39 21.79
CA SER C 173 -42.98 5.41 22.60
C SER C 173 -44.41 5.86 22.95
N VAL C 174 -44.73 7.12 22.68
CA VAL C 174 -46.09 7.61 22.92
C VAL C 174 -46.83 8.03 21.65
N GLN C 175 -46.07 8.18 20.54
CA GLN C 175 -46.62 8.56 19.23
C GLN C 175 -46.33 7.51 18.17
N LYS C 217 -40.54 -1.12 15.44
CA LYS C 217 -39.54 -2.19 15.28
C LYS C 217 -38.07 -1.73 15.25
N PHE C 218 -37.83 -0.42 15.35
CA PHE C 218 -36.44 0.06 15.39
C PHE C 218 -36.33 1.37 16.19
N PRO C 219 -35.21 1.56 16.92
CA PRO C 219 -34.96 2.73 17.77
C PRO C 219 -35.53 4.03 17.22
N ALA C 220 -35.91 4.94 18.11
CA ALA C 220 -36.38 6.28 17.72
C ALA C 220 -35.31 7.09 16.93
N TYR C 221 -34.03 7.00 17.32
CA TYR C 221 -32.92 7.42 16.45
C TYR C 221 -32.05 6.23 16.03
N GLU C 222 -31.56 6.27 14.78
CA GLU C 222 -30.85 5.16 14.19
C GLU C 222 -29.43 5.51 13.73
N ARG C 223 -28.68 6.22 14.56
CA ARG C 223 -27.25 6.45 14.34
C ARG C 223 -26.80 5.83 13.01
N VAL C 224 -26.73 6.67 11.98
CA VAL C 224 -26.35 6.25 10.61
C VAL C 224 -24.99 6.74 10.09
N VAL C 225 -24.72 6.35 8.86
CA VAL C 225 -23.41 6.35 8.29
C VAL C 225 -23.70 6.16 6.81
N LEU C 226 -23.13 7.00 5.96
CA LEU C 226 -23.34 6.87 4.52
C LEU C 226 -22.47 5.80 3.97
N ARG C 227 -23.05 4.97 3.11
CA ARG C 227 -22.32 3.86 2.51
C ARG C 227 -22.85 3.53 1.14
N GLU C 228 -21.93 3.09 0.28
CA GLU C 228 -22.33 2.56 -1.01
C GLU C 228 -22.52 1.08 -0.79
N ALA C 229 -23.46 0.46 -1.48
CA ALA C 229 -23.60 -0.98 -1.41
C ALA C 229 -22.34 -1.62 -1.96
N GLY C 230 -21.87 -2.69 -1.31
CA GLY C 230 -20.75 -3.47 -1.81
C GLY C 230 -21.22 -4.67 -2.61
N PHE C 231 -22.43 -4.59 -3.11
CA PHE C 231 -23.08 -5.73 -3.72
C PHE C 231 -24.08 -5.18 -4.74
N LEU C 232 -24.21 -5.87 -5.88
CA LEU C 232 -25.17 -5.50 -6.88
C LEU C 232 -26.60 -5.55 -6.32
N ARG C 233 -27.04 -4.37 -5.87
CA ARG C 233 -28.35 -4.17 -5.30
C ARG C 233 -29.42 -4.90 -6.09
N PRO C 234 -30.28 -5.67 -5.40
CA PRO C 234 -31.39 -6.24 -6.16
C PRO C 234 -32.26 -5.10 -6.73
N VAL C 235 -32.91 -5.36 -7.87
CA VAL C 235 -33.66 -4.32 -8.61
C VAL C 235 -35.16 -4.65 -8.80
N THR C 236 -36.02 -3.94 -8.07
CA THR C 236 -37.48 -4.14 -8.11
C THR C 236 -38.18 -3.08 -8.98
N ILE C 237 -38.85 -3.48 -10.07
CA ILE C 237 -39.58 -2.52 -10.92
C ILE C 237 -41.09 -2.54 -10.65
N PHE C 238 -41.71 -1.36 -10.55
CA PHE C 238 -43.16 -1.21 -10.46
C PHE C 238 -43.62 -0.15 -11.42
N GLY C 239 -44.75 -0.41 -12.11
CA GLY C 239 -45.33 0.50 -13.11
C GLY C 239 -46.17 -0.35 -14.05
N PRO C 240 -46.71 0.22 -15.14
CA PRO C 240 -47.62 -0.61 -15.87
C PRO C 240 -46.95 -1.32 -17.03
N ILE C 241 -45.62 -1.40 -17.01
CA ILE C 241 -44.84 -2.24 -17.97
C ILE C 241 -43.65 -2.97 -17.31
N ALA C 242 -43.62 -2.96 -15.98
CA ALA C 242 -42.61 -3.68 -15.23
C ALA C 242 -42.34 -5.07 -15.79
N ASP C 243 -43.37 -5.74 -16.30
CA ASP C 243 -43.16 -7.09 -16.86
C ASP C 243 -42.20 -7.02 -18.02
N VAL C 244 -42.58 -6.30 -19.06
CA VAL C 244 -41.67 -6.09 -20.18
C VAL C 244 -40.31 -5.62 -19.66
N ALA C 245 -40.33 -4.58 -18.82
CA ALA C 245 -39.13 -3.97 -18.29
C ALA C 245 -38.22 -4.98 -17.61
N ARG C 246 -38.76 -5.71 -16.62
CA ARG C 246 -38.05 -6.82 -15.96
C ARG C 246 -37.59 -7.82 -17.01
N GLU C 247 -38.57 -8.35 -17.76
CA GLU C 247 -38.30 -9.29 -18.84
C GLU C 247 -37.22 -8.78 -19.80
N LYS C 248 -37.45 -7.65 -20.48
CA LYS C 248 -36.48 -7.14 -21.48
C LYS C 248 -35.03 -7.04 -20.98
N LEU C 249 -34.83 -6.66 -19.72
CA LEU C 249 -33.46 -6.50 -19.18
C LEU C 249 -32.65 -7.80 -19.29
N ALA C 250 -33.29 -8.93 -19.04
CA ALA C 250 -32.64 -10.24 -19.07
C ALA C 250 -32.42 -10.86 -20.45
N ARG C 251 -33.14 -10.44 -21.49
CA ARG C 251 -32.82 -10.92 -22.84
C ARG C 251 -31.51 -10.31 -23.31
N GLU C 252 -31.33 -9.01 -23.05
CA GLU C 252 -30.15 -8.28 -23.50
C GLU C 252 -28.98 -8.45 -22.53
N GLU C 253 -29.17 -8.08 -21.26
CA GLU C 253 -28.06 -8.05 -20.32
C GLU C 253 -28.08 -9.23 -19.34
N PRO C 254 -27.88 -10.46 -19.83
CA PRO C 254 -27.86 -11.55 -18.87
C PRO C 254 -26.53 -11.61 -18.12
N ASP C 255 -25.52 -10.92 -18.64
CA ASP C 255 -24.21 -10.81 -17.98
C ASP C 255 -24.31 -9.99 -16.70
N ILE C 256 -25.45 -9.31 -16.53
CA ILE C 256 -25.62 -8.25 -15.54
C ILE C 256 -27.02 -8.23 -14.90
N TYR C 257 -28.03 -8.81 -15.57
CA TYR C 257 -29.36 -9.03 -14.97
C TYR C 257 -29.85 -10.47 -15.09
N GLN C 258 -30.62 -10.91 -14.10
CA GLN C 258 -31.29 -12.21 -14.12
C GLN C 258 -32.52 -12.14 -13.20
N ILE C 259 -33.67 -12.64 -13.67
CA ILE C 259 -34.93 -12.58 -12.90
C ILE C 259 -34.87 -13.47 -11.65
N ALA C 260 -35.52 -13.03 -10.57
CA ALA C 260 -35.64 -13.86 -9.36
C ALA C 260 -36.88 -14.74 -9.47
N LYS C 261 -36.73 -16.00 -9.05
CA LYS C 261 -37.76 -17.03 -9.24
C LYS C 261 -38.55 -17.32 -7.97
N SER C 262 -39.87 -17.22 -8.08
CA SER C 262 -40.81 -17.14 -6.96
C SER C 262 -40.89 -18.35 -6.01
N GLU C 263 -41.79 -18.21 -5.02
CA GLU C 263 -42.20 -19.25 -4.08
C GLU C 263 -43.64 -18.81 -3.82
N PRO C 264 -44.59 -19.31 -4.62
CA PRO C 264 -45.84 -18.59 -4.93
C PRO C 264 -45.84 -17.02 -4.87
N ARG C 265 -47.03 -16.43 -5.02
CA ARG C 265 -47.25 -14.96 -5.21
C ARG C 265 -46.10 -14.04 -4.81
N ILE C 277 -40.49 -13.75 2.51
CA ILE C 277 -39.70 -13.80 1.29
C ILE C 277 -38.69 -14.94 1.35
N ARG C 278 -37.87 -15.06 0.31
CA ARG C 278 -36.77 -16.01 0.33
C ARG C 278 -35.43 -15.38 -0.02
N LEU C 279 -34.89 -14.64 0.93
CA LEU C 279 -33.64 -13.92 0.75
C LEU C 279 -32.40 -14.83 0.69
N HIS C 280 -32.44 -15.84 -0.19
CA HIS C 280 -31.23 -16.61 -0.53
C HIS C 280 -31.20 -16.92 -2.02
N THR C 281 -32.37 -17.08 -2.64
CA THR C 281 -32.45 -17.22 -4.10
C THR C 281 -32.20 -15.89 -4.80
N ILE C 282 -32.08 -14.83 -4.00
CA ILE C 282 -31.57 -13.55 -4.46
C ILE C 282 -30.14 -13.33 -3.98
N LYS C 283 -29.90 -13.60 -2.69
CA LYS C 283 -28.55 -13.55 -2.13
C LYS C 283 -27.63 -14.50 -2.88
N GLN C 284 -28.20 -15.16 -3.90
CA GLN C 284 -27.45 -16.07 -4.78
C GLN C 284 -27.13 -15.40 -6.10
N ILE C 285 -28.05 -14.58 -6.59
CA ILE C 285 -27.78 -13.74 -7.74
C ILE C 285 -26.84 -12.64 -7.29
N ILE C 286 -27.07 -12.15 -6.07
CA ILE C 286 -26.17 -11.17 -5.44
C ILE C 286 -24.74 -11.72 -5.41
N ASP C 287 -24.58 -12.99 -5.00
CA ASP C 287 -23.30 -13.71 -5.10
C ASP C 287 -22.90 -14.00 -6.56
N GLN C 288 -23.86 -14.47 -7.35
CA GLN C 288 -23.67 -14.67 -8.79
C GLN C 288 -23.16 -13.40 -9.48
N ASP C 289 -23.13 -12.30 -8.70
CA ASP C 289 -22.74 -10.97 -9.16
C ASP C 289 -23.64 -10.48 -10.28
N LYS C 290 -24.92 -10.36 -9.97
CA LYS C 290 -25.87 -9.78 -10.88
C LYS C 290 -27.06 -9.18 -10.14
N HIS C 291 -27.68 -8.17 -10.75
CA HIS C 291 -28.85 -7.55 -10.18
C HIS C 291 -30.02 -8.52 -10.12
N ALA C 292 -30.53 -8.75 -8.91
CA ALA C 292 -31.72 -9.58 -8.73
C ALA C 292 -32.98 -8.76 -9.06
N LEU C 293 -33.74 -9.22 -10.04
CA LEU C 293 -34.93 -8.51 -10.52
C LEU C 293 -36.16 -9.05 -9.82
N LEU C 294 -36.38 -8.63 -8.57
CA LEU C 294 -37.48 -9.13 -7.77
C LEU C 294 -38.84 -8.78 -8.38
N ASP C 295 -39.71 -9.80 -8.47
CA ASP C 295 -41.10 -9.59 -8.85
C ASP C 295 -41.96 -9.76 -7.60
N VAL C 296 -41.97 -8.74 -6.75
CA VAL C 296 -42.58 -8.86 -5.44
C VAL C 296 -43.50 -7.67 -5.13
N THR C 297 -44.20 -7.75 -3.99
CA THR C 297 -45.16 -6.70 -3.61
C THR C 297 -44.45 -5.54 -2.90
N PRO C 298 -45.05 -4.33 -2.88
CA PRO C 298 -44.41 -3.27 -2.10
C PRO C 298 -44.19 -3.76 -0.68
N ASN C 299 -44.99 -4.76 -0.27
CA ASN C 299 -44.78 -5.47 0.96
C ASN C 299 -43.31 -5.86 1.02
N ALA C 300 -42.91 -6.77 0.13
CA ALA C 300 -41.60 -7.39 0.27
C ALA C 300 -40.45 -6.38 0.31
N VAL C 301 -40.52 -5.35 -0.53
CA VAL C 301 -39.46 -4.34 -0.51
C VAL C 301 -39.10 -3.95 0.93
N ASP C 302 -40.10 -3.62 1.75
CA ASP C 302 -39.94 -3.33 3.19
C ASP C 302 -39.08 -4.37 3.90
N ARG C 303 -39.38 -5.67 3.70
CA ARG C 303 -38.58 -6.76 4.29
C ARG C 303 -37.13 -6.56 3.90
N LEU C 304 -36.91 -6.32 2.61
CA LEU C 304 -35.57 -6.16 2.05
C LEU C 304 -34.96 -4.86 2.52
N ASN C 305 -35.66 -3.74 2.31
CA ASN C 305 -35.18 -2.54 2.93
C ASN C 305 -34.77 -2.85 4.37
N TYR C 306 -35.69 -3.41 5.16
CA TYR C 306 -35.40 -3.73 6.57
C TYR C 306 -34.17 -4.61 6.74
N ALA C 307 -34.00 -5.57 5.82
CA ALA C 307 -32.80 -6.41 5.79
C ALA C 307 -31.58 -5.58 5.38
N GLN C 308 -31.85 -4.30 5.08
CA GLN C 308 -30.87 -3.30 4.60
C GLN C 308 -30.17 -3.66 3.29
N TRP C 309 -30.81 -4.58 2.56
CA TRP C 309 -30.44 -4.90 1.19
C TRP C 309 -30.94 -3.81 0.23
N TYR C 310 -31.59 -2.78 0.78
CA TYR C 310 -32.02 -1.60 0.02
C TYR C 310 -32.15 -1.79 -1.49
N PRO C 311 -33.22 -2.46 -1.95
CA PRO C 311 -33.26 -2.79 -3.37
C PRO C 311 -33.53 -1.53 -4.22
N ILE C 312 -33.25 -1.57 -5.53
CA ILE C 312 -33.40 -0.38 -6.39
C ILE C 312 -34.83 -0.30 -6.85
N VAL C 313 -35.61 0.52 -6.16
CA VAL C 313 -37.02 0.68 -6.54
C VAL C 313 -37.10 1.69 -7.69
N VAL C 314 -37.73 1.25 -8.78
CA VAL C 314 -37.80 2.06 -9.98
C VAL C 314 -39.22 2.05 -10.52
N PHE C 315 -39.88 3.21 -10.48
CA PHE C 315 -41.28 3.39 -10.90
C PHE C 315 -41.40 3.88 -12.34
N LEU C 316 -41.95 3.05 -13.22
CA LEU C 316 -42.18 3.46 -14.58
C LEU C 316 -43.52 4.15 -14.56
N ASN C 317 -43.54 5.45 -14.79
CA ASN C 317 -44.72 6.25 -14.56
C ASN C 317 -45.52 6.59 -15.83
N PRO C 318 -46.69 5.94 -16.00
CA PRO C 318 -47.48 5.99 -17.24
C PRO C 318 -47.96 7.38 -17.55
N ASP C 319 -48.09 7.69 -18.84
CA ASP C 319 -48.55 9.01 -19.29
C ASP C 319 -50.02 9.03 -19.72
N SER C 320 -50.80 8.06 -19.22
CA SER C 320 -52.24 7.96 -19.46
C SER C 320 -52.56 6.53 -19.88
N LYS C 321 -53.77 6.05 -19.57
CA LYS C 321 -54.25 4.73 -20.01
C LYS C 321 -54.09 4.52 -21.53
N GLN C 322 -54.44 5.53 -22.32
CA GLN C 322 -54.28 5.43 -23.79
C GLN C 322 -52.83 5.23 -24.23
N GLY C 323 -51.90 5.77 -23.45
CA GLY C 323 -50.48 5.53 -23.64
C GLY C 323 -49.95 4.15 -23.21
N VAL C 324 -50.50 3.57 -22.16
CA VAL C 324 -50.08 2.23 -21.76
C VAL C 324 -50.54 1.26 -22.83
N LYS C 325 -51.83 1.38 -23.19
CA LYS C 325 -52.50 0.57 -24.23
C LYS C 325 -51.54 0.30 -25.38
N THR C 326 -50.93 1.38 -25.89
CA THR C 326 -50.03 1.32 -27.05
C THR C 326 -48.74 0.58 -26.78
N MET C 327 -48.05 0.94 -25.71
CA MET C 327 -46.80 0.25 -25.35
C MET C 327 -47.00 -1.26 -25.27
N ARG C 328 -48.04 -1.70 -24.56
CA ARG C 328 -48.27 -3.14 -24.44
C ARG C 328 -48.63 -3.74 -25.78
N MET C 329 -49.31 -2.98 -26.63
CA MET C 329 -49.57 -3.44 -27.98
C MET C 329 -48.27 -3.62 -28.74
N ARG C 330 -47.31 -2.73 -28.49
CA ARG C 330 -46.05 -2.63 -29.25
C ARG C 330 -44.99 -3.57 -28.72
N LEU C 331 -44.83 -3.54 -27.39
CA LEU C 331 -43.72 -4.19 -26.71
C LEU C 331 -44.07 -5.65 -26.47
N CYS C 332 -45.30 -5.86 -26.01
CA CYS C 332 -45.79 -7.20 -25.71
C CYS C 332 -47.18 -7.38 -26.35
N PRO C 333 -47.21 -7.58 -27.67
CA PRO C 333 -48.48 -7.59 -28.40
C PRO C 333 -49.45 -8.60 -27.83
N GLU C 334 -48.99 -9.85 -27.75
CA GLU C 334 -49.78 -10.94 -27.24
C GLU C 334 -49.82 -10.81 -25.72
N SER C 335 -50.97 -10.40 -25.17
CA SER C 335 -51.13 -10.39 -23.71
C SER C 335 -52.56 -10.13 -23.24
N ARG C 336 -52.94 -10.81 -22.16
CA ARG C 336 -54.28 -10.67 -21.59
C ARG C 336 -54.39 -9.33 -20.87
N LYS C 337 -53.41 -9.04 -19.99
CA LYS C 337 -53.49 -7.94 -19.01
C LYS C 337 -54.19 -6.69 -19.55
N SER C 338 -55.20 -6.19 -18.85
CA SER C 338 -55.82 -4.95 -19.28
C SER C 338 -54.86 -3.76 -19.17
N ALA C 339 -55.21 -2.65 -19.81
CA ALA C 339 -54.44 -1.43 -19.65
C ALA C 339 -55.08 -0.44 -18.66
N ARG C 340 -56.37 -0.59 -18.37
CA ARG C 340 -57.00 0.33 -17.42
C ARG C 340 -56.65 -0.11 -15.98
N LYS C 341 -56.89 -1.40 -15.71
CA LYS C 341 -56.41 -2.08 -14.52
C LYS C 341 -54.97 -1.63 -14.20
N LEU C 342 -54.02 -1.94 -15.10
CA LEU C 342 -52.60 -1.65 -14.87
C LEU C 342 -52.27 -0.17 -14.68
N TYR C 343 -53.13 0.73 -15.16
CA TYR C 343 -52.84 2.17 -15.10
C TYR C 343 -53.31 2.73 -13.80
N GLU C 344 -54.56 2.42 -13.46
CA GLU C 344 -55.12 2.87 -12.20
C GLU C 344 -54.43 2.10 -11.08
N ARG C 345 -54.26 0.79 -11.26
CA ARG C 345 -53.41 0.01 -10.37
C ARG C 345 -52.09 0.75 -10.03
N SER C 346 -51.35 1.16 -11.07
CA SER C 346 -50.01 1.78 -10.94
C SER C 346 -50.02 3.21 -10.42
N HIS C 347 -51.09 3.94 -10.72
CA HIS C 347 -51.25 5.29 -10.21
C HIS C 347 -51.88 5.33 -8.82
N LYS C 348 -52.37 4.17 -8.37
CA LYS C 348 -52.77 3.97 -6.98
C LYS C 348 -51.49 3.83 -6.18
N LEU C 349 -50.75 2.74 -6.42
CA LEU C 349 -49.44 2.50 -5.83
C LEU C 349 -48.69 3.81 -5.57
N ARG C 350 -48.39 4.55 -6.65
CA ARG C 350 -47.66 5.83 -6.55
C ARG C 350 -48.07 6.68 -5.35
N LYS C 351 -49.36 6.67 -5.03
CA LYS C 351 -49.83 7.52 -3.94
C LYS C 351 -49.79 6.76 -2.64
N ASN C 352 -50.18 5.48 -2.70
CA ASN C 352 -50.24 4.60 -1.54
C ASN C 352 -48.90 4.09 -0.99
N ASN C 353 -47.79 4.74 -1.38
CA ASN C 353 -46.41 4.51 -0.87
C ASN C 353 -45.29 5.04 -1.79
N HIS C 354 -45.27 6.36 -1.95
CA HIS C 354 -44.29 7.11 -2.78
C HIS C 354 -42.99 7.51 -2.04
N HIS C 355 -42.86 7.09 -0.77
CA HIS C 355 -41.60 7.29 -0.01
C HIS C 355 -40.69 6.09 -0.23
N LEU C 356 -41.19 5.12 -0.98
CA LEU C 356 -40.61 3.78 -1.15
C LEU C 356 -39.70 3.69 -2.38
N PHE C 357 -39.88 4.61 -3.31
CA PHE C 357 -39.09 4.68 -4.53
C PHE C 357 -37.72 5.24 -4.26
N THR C 358 -36.75 4.76 -5.04
CA THR C 358 -35.42 5.37 -5.05
C THR C 358 -35.30 6.28 -6.24
N THR C 359 -35.96 5.92 -7.35
CA THR C 359 -36.03 6.72 -8.59
C THR C 359 -37.28 6.44 -9.42
N THR C 360 -37.89 7.52 -9.93
CA THR C 360 -39.07 7.52 -10.80
C THR C 360 -38.65 7.73 -12.26
N ILE C 361 -39.47 7.28 -13.22
CA ILE C 361 -39.28 7.61 -14.65
C ILE C 361 -40.63 7.92 -15.25
N ASN C 362 -40.75 8.96 -16.06
CA ASN C 362 -42.03 9.22 -16.73
C ASN C 362 -42.01 8.63 -18.12
N LEU C 363 -42.96 7.76 -18.38
CA LEU C 363 -43.07 7.12 -19.70
C LEU C 363 -43.59 8.11 -20.74
N ASN C 364 -42.87 8.19 -21.86
CA ASN C 364 -43.40 8.80 -23.06
C ASN C 364 -43.77 7.67 -24.02
N SER C 365 -45.06 7.51 -24.28
CA SER C 365 -45.57 6.40 -25.08
C SER C 365 -45.57 6.66 -26.59
N MET C 366 -44.57 7.40 -27.07
CA MET C 366 -44.31 7.58 -28.50
C MET C 366 -42.92 6.99 -28.86
N ASN C 367 -42.34 6.25 -27.91
CA ASN C 367 -41.02 5.63 -28.08
C ASN C 367 -40.61 4.84 -26.84
N ASP C 368 -39.47 4.14 -26.94
CA ASP C 368 -39.04 3.25 -25.87
C ASP C 368 -37.73 3.78 -25.27
N GLY C 369 -37.68 5.11 -25.14
CA GLY C 369 -36.52 5.80 -24.60
C GLY C 369 -36.31 5.49 -23.14
N TRP C 370 -37.42 5.16 -22.46
CA TRP C 370 -37.41 4.76 -21.06
C TRP C 370 -36.43 3.63 -20.75
N TYR C 371 -36.20 2.72 -21.69
CA TYR C 371 -35.31 1.59 -21.45
C TYR C 371 -33.91 1.99 -20.96
N GLY C 372 -33.13 2.62 -21.85
CA GLY C 372 -31.75 2.99 -21.58
C GLY C 372 -31.72 4.06 -20.51
N ALA C 373 -32.86 4.71 -20.35
CA ALA C 373 -33.14 5.63 -19.24
C ALA C 373 -33.18 4.86 -17.93
N LEU C 374 -33.84 3.70 -17.97
CA LEU C 374 -33.94 2.77 -16.84
C LEU C 374 -32.60 2.10 -16.59
N LYS C 375 -31.79 1.92 -17.64
CA LYS C 375 -30.48 1.28 -17.48
C LYS C 375 -29.44 2.19 -16.80
N GLU C 376 -29.37 3.45 -17.23
CA GLU C 376 -28.55 4.44 -16.52
C GLU C 376 -29.13 4.65 -15.11
N ALA C 377 -30.46 4.66 -15.01
CA ALA C 377 -31.15 4.68 -13.72
C ALA C 377 -30.62 3.63 -12.73
N ILE C 378 -30.51 2.38 -13.18
CA ILE C 378 -29.97 1.36 -12.32
C ILE C 378 -28.48 1.62 -12.12
N GLN C 379 -27.81 2.01 -13.20
CA GLN C 379 -26.39 2.24 -13.17
C GLN C 379 -26.11 3.28 -12.10
N GLN C 380 -26.77 4.44 -12.19
CA GLN C 380 -26.58 5.48 -11.21
C GLN C 380 -26.88 4.98 -9.79
N GLN C 381 -28.12 4.53 -9.54
CA GLN C 381 -28.49 4.08 -8.20
C GLN C 381 -27.48 3.09 -7.60
N GLN C 382 -27.12 2.03 -8.34
CA GLN C 382 -26.16 1.05 -7.83
C GLN C 382 -24.79 1.62 -7.41
N ASN C 383 -24.51 2.88 -7.78
CA ASN C 383 -23.33 3.61 -7.31
C ASN C 383 -23.72 4.73 -6.34
N GLN C 384 -25.01 4.88 -6.10
CA GLN C 384 -25.55 5.86 -5.14
C GLN C 384 -25.09 5.55 -3.71
N LEU C 385 -25.03 6.56 -2.86
CA LEU C 385 -24.76 6.33 -1.44
C LEU C 385 -26.08 6.36 -0.69
N VAL C 386 -26.40 5.27 -0.02
CA VAL C 386 -27.58 5.24 0.85
C VAL C 386 -27.19 5.21 2.32
N TRP C 387 -28.06 5.71 3.19
CA TRP C 387 -27.79 5.65 4.62
C TRP C 387 -27.96 4.24 5.16
N VAL C 388 -26.87 3.68 5.68
CA VAL C 388 -26.95 2.42 6.41
C VAL C 388 -26.85 2.74 7.91
N SER C 389 -27.61 2.02 8.74
CA SER C 389 -27.45 2.10 10.20
C SER C 389 -26.16 1.45 10.56
N GLU C 390 -25.32 2.20 11.27
CA GLU C 390 -23.97 1.80 11.65
C GLU C 390 -23.55 2.66 12.83
N GLY C 391 -24.02 2.25 14.01
CA GLY C 391 -24.00 3.07 15.23
C GLY C 391 -22.92 2.76 16.25
N ARG D 7 26.79 -8.84 -25.98
CA ARG D 7 26.15 -7.48 -25.92
C ARG D 7 27.11 -6.32 -25.55
N PRO D 8 26.66 -5.06 -25.77
CA PRO D 8 27.23 -3.88 -25.05
C PRO D 8 27.16 -4.02 -23.51
N SER D 9 28.26 -3.69 -22.82
CA SER D 9 28.37 -3.91 -21.37
C SER D 9 27.83 -2.73 -20.53
N MET D 10 27.93 -2.85 -19.21
CA MET D 10 27.15 -2.00 -18.30
C MET D 10 27.72 -0.59 -18.08
N LYS D 11 26.84 0.30 -17.65
CA LYS D 11 27.15 1.72 -17.40
C LYS D 11 26.81 2.11 -15.96
N LEU D 12 27.63 2.98 -15.37
CA LEU D 12 27.23 3.71 -14.17
C LEU D 12 26.98 5.18 -14.54
N VAL D 13 26.15 5.86 -13.74
CA VAL D 13 25.56 7.12 -14.14
C VAL D 13 25.06 7.87 -12.92
N LYS D 14 25.72 8.96 -12.58
CA LYS D 14 25.20 9.76 -11.50
C LYS D 14 24.57 11.03 -12.06
N PHE D 15 23.58 11.53 -11.35
CA PHE D 15 23.06 12.85 -11.61
C PHE D 15 22.15 13.29 -10.49
N ARG D 16 22.16 14.61 -10.22
CA ARG D 16 21.27 15.22 -9.23
C ARG D 16 19.90 15.47 -9.84
N LYS D 17 18.87 14.91 -9.22
CA LYS D 17 17.48 15.12 -9.69
C LYS D 17 17.01 16.50 -9.29
N GLY D 18 16.06 17.04 -10.05
CA GLY D 18 15.21 18.12 -9.60
C GLY D 18 13.98 18.09 -10.50
N ASP D 19 12.80 18.29 -9.94
CA ASP D 19 11.54 18.38 -10.72
C ASP D 19 11.14 17.07 -11.40
N SER D 20 12.09 16.49 -12.16
CA SER D 20 11.92 15.19 -12.80
C SER D 20 13.24 14.43 -12.93
N VAL D 21 13.17 13.17 -13.35
CA VAL D 21 14.36 12.45 -13.79
C VAL D 21 14.44 12.58 -15.32
N GLY D 22 13.28 12.51 -15.97
CA GLY D 22 13.21 12.58 -17.44
C GLY D 22 12.95 11.22 -18.07
N LEU D 23 13.15 10.18 -17.27
CA LEU D 23 12.92 8.81 -17.68
C LEU D 23 11.44 8.47 -17.84
N ARG D 24 11.10 7.81 -18.94
CA ARG D 24 9.84 7.11 -19.07
C ARG D 24 10.11 5.61 -18.93
N LEU D 25 9.08 4.87 -18.49
CA LEU D 25 9.29 3.51 -18.05
C LEU D 25 8.45 2.49 -18.78
N ALA D 26 9.14 1.43 -19.19
CA ALA D 26 8.52 0.32 -19.88
C ALA D 26 8.94 -0.96 -19.19
N GLY D 27 8.04 -1.95 -19.19
CA GLY D 27 8.31 -3.23 -18.55
C GLY D 27 7.29 -3.51 -17.46
N GLY D 28 7.63 -4.45 -16.60
CA GLY D 28 6.94 -4.64 -15.33
C GLY D 28 7.95 -5.20 -14.32
N ASN D 29 7.57 -6.29 -13.66
CA ASN D 29 8.50 -7.04 -12.80
C ASN D 29 8.78 -8.43 -13.39
N ASP D 30 8.11 -8.76 -14.49
CA ASP D 30 8.35 -10.04 -15.15
C ASP D 30 9.61 -9.96 -16.02
N VAL D 31 9.80 -8.81 -16.66
CA VAL D 31 10.85 -8.65 -17.67
C VAL D 31 11.91 -7.63 -17.22
N GLY D 32 11.75 -7.11 -16.00
CA GLY D 32 12.52 -5.97 -15.49
C GLY D 32 12.16 -4.66 -16.18
N ILE D 33 12.30 -3.55 -15.44
CA ILE D 33 11.98 -2.20 -15.94
C ILE D 33 13.01 -1.73 -16.95
N PHE D 34 12.60 -0.84 -17.84
CA PHE D 34 13.40 -0.40 -19.02
C PHE D 34 13.21 1.11 -19.22
N VAL D 35 14.08 1.73 -20.04
CA VAL D 35 14.04 3.18 -20.26
C VAL D 35 13.26 3.56 -21.53
N ALA D 36 11.95 3.63 -21.40
CA ALA D 36 11.07 3.93 -22.55
C ALA D 36 11.46 5.18 -23.33
N GLY D 37 11.90 6.21 -22.60
CA GLY D 37 12.17 7.52 -23.18
C GLY D 37 12.81 8.44 -22.15
N VAL D 38 13.65 9.35 -22.61
CA VAL D 38 14.29 10.30 -21.73
C VAL D 38 13.60 11.67 -21.91
N LEU D 39 14.29 12.75 -21.51
CA LEU D 39 13.82 14.12 -21.67
C LEU D 39 15.07 14.87 -22.05
N GLU D 40 15.00 15.62 -23.14
CA GLU D 40 16.19 16.21 -23.77
C GLU D 40 16.90 17.25 -22.91
N ASP D 41 18.23 17.25 -23.05
CA ASP D 41 19.16 18.15 -22.35
C ASP D 41 19.37 17.80 -20.87
N SER D 42 18.35 17.22 -20.25
CA SER D 42 18.36 16.94 -18.80
C SER D 42 19.49 16.00 -18.37
N PRO D 43 19.85 16.05 -17.07
CA PRO D 43 20.89 15.19 -16.50
C PRO D 43 20.79 13.71 -16.92
N ALA D 44 19.62 13.28 -17.37
CA ALA D 44 19.43 11.88 -17.74
C ALA D 44 20.31 11.55 -18.95
N ALA D 45 20.03 12.20 -20.07
CA ALA D 45 20.86 12.09 -21.29
C ALA D 45 22.28 12.67 -21.06
N LYS D 46 22.40 13.63 -20.14
CA LYS D 46 23.70 14.22 -19.77
C LYS D 46 24.70 13.13 -19.34
N GLU D 47 24.19 11.97 -18.96
CA GLU D 47 24.98 10.78 -18.84
C GLU D 47 24.39 9.80 -19.84
N GLY D 48 25.05 8.69 -20.12
CA GLY D 48 24.63 7.86 -21.26
C GLY D 48 23.29 7.09 -21.24
N LEU D 49 22.17 7.81 -21.06
CA LEU D 49 20.86 7.16 -20.89
C LEU D 49 19.96 7.45 -22.07
N GLU D 50 19.40 6.41 -22.67
CA GLU D 50 18.69 6.56 -23.95
C GLU D 50 17.64 5.46 -24.18
N GLU D 51 16.52 5.80 -24.84
CA GLU D 51 15.49 4.79 -25.13
C GLU D 51 16.13 3.44 -25.45
N GLY D 52 15.77 2.42 -24.66
CA GLY D 52 16.24 1.05 -24.88
C GLY D 52 16.98 0.45 -23.69
N ASP D 53 17.60 1.31 -22.89
CA ASP D 53 18.35 0.87 -21.72
C ASP D 53 17.52 0.04 -20.68
N GLN D 54 17.95 -1.18 -20.42
CA GLN D 54 17.45 -1.90 -19.29
C GLN D 54 18.05 -1.24 -18.08
N ILE D 55 17.20 -1.01 -17.07
CA ILE D 55 17.63 -0.45 -15.81
C ILE D 55 17.72 -1.62 -14.85
N LEU D 56 18.91 -1.76 -14.24
CA LEU D 56 19.26 -2.87 -13.33
C LEU D 56 19.26 -2.45 -11.86
N ARG D 57 19.11 -1.15 -11.60
CA ARG D 57 19.45 -0.59 -10.28
C ARG D 57 19.14 0.92 -10.21
N VAL D 58 18.54 1.38 -9.11
CA VAL D 58 18.40 2.82 -8.88
C VAL D 58 18.50 3.10 -7.37
N ASN D 59 19.52 3.84 -6.95
CA ASN D 59 19.72 4.11 -5.53
C ASN D 59 19.69 2.82 -4.73
N ASN D 60 20.51 1.85 -5.14
CA ASN D 60 20.52 0.50 -4.55
C ASN D 60 19.28 -0.36 -4.89
N VAL D 61 18.13 0.27 -5.15
CA VAL D 61 16.87 -0.47 -5.37
C VAL D 61 16.94 -1.35 -6.61
N ASP D 62 16.58 -2.62 -6.45
CA ASP D 62 16.53 -3.53 -7.60
C ASP D 62 15.40 -3.12 -8.56
N PHE D 63 15.74 -2.99 -9.84
CA PHE D 63 14.72 -2.78 -10.88
C PHE D 63 14.60 -3.98 -11.84
N THR D 64 15.06 -5.15 -11.45
CA THR D 64 14.67 -6.30 -12.28
C THR D 64 13.39 -6.86 -11.71
N ASN D 65 13.05 -6.39 -10.52
CA ASN D 65 12.11 -7.04 -9.62
C ASN D 65 10.88 -6.19 -9.36
N ILE D 66 10.90 -4.92 -9.78
CA ILE D 66 9.87 -3.98 -9.31
C ILE D 66 8.69 -3.86 -10.25
N ILE D 67 7.50 -3.75 -9.67
CA ILE D 67 6.30 -3.47 -10.43
C ILE D 67 6.45 -2.08 -11.01
N ARG D 68 6.03 -1.92 -12.25
CA ARG D 68 6.21 -0.65 -12.92
C ARG D 68 5.61 0.51 -12.11
N GLU D 69 4.34 0.42 -11.71
CA GLU D 69 3.69 1.54 -10.94
C GLU D 69 4.54 2.00 -9.76
N GLU D 70 5.14 1.05 -9.04
CA GLU D 70 5.94 1.34 -7.87
C GLU D 70 7.22 2.03 -8.28
N ALA D 71 7.83 1.58 -9.39
CA ALA D 71 9.10 2.20 -9.89
C ALA D 71 8.93 3.65 -10.34
N VAL D 72 7.85 3.94 -11.07
CA VAL D 72 7.65 5.33 -11.51
C VAL D 72 7.45 6.22 -10.30
N LEU D 73 6.76 5.70 -9.29
CA LEU D 73 6.39 6.49 -8.12
C LEU D 73 7.56 6.57 -7.14
N PHE D 74 8.47 5.60 -7.20
CA PHE D 74 9.72 5.80 -6.50
C PHE D 74 10.50 6.95 -7.16
N LEU D 75 10.38 7.14 -8.47
CA LEU D 75 11.09 8.25 -9.10
C LEU D 75 10.48 9.63 -8.73
N LEU D 76 9.16 9.78 -8.82
CA LEU D 76 8.57 11.02 -8.31
C LEU D 76 9.00 11.19 -6.86
N ASP D 77 8.73 10.19 -6.04
CA ASP D 77 9.02 10.20 -4.62
C ASP D 77 10.44 10.78 -4.30
N LEU D 78 11.45 10.46 -5.13
CA LEU D 78 12.81 10.95 -4.85
C LEU D 78 12.81 12.49 -4.72
N PRO D 79 13.34 13.00 -3.59
CA PRO D 79 13.40 14.43 -3.27
C PRO D 79 14.12 15.20 -4.37
N LYS D 80 13.86 16.52 -4.44
CA LYS D 80 14.34 17.41 -5.53
C LYS D 80 15.84 17.58 -5.70
N GLY D 81 16.67 17.29 -4.71
CA GLY D 81 18.14 17.39 -4.96
C GLY D 81 18.92 16.08 -4.93
N GLU D 82 18.21 14.96 -4.98
CA GLU D 82 18.78 13.64 -4.71
C GLU D 82 19.82 13.21 -5.73
N GLU D 83 20.83 12.53 -5.24
CA GLU D 83 21.69 11.86 -6.15
C GLU D 83 20.87 10.69 -6.66
N VAL D 84 20.51 10.75 -7.93
CA VAL D 84 19.97 9.60 -8.59
C VAL D 84 21.12 8.77 -9.20
N THR D 85 21.84 7.99 -8.40
CA THR D 85 22.76 7.02 -9.01
C THR D 85 22.08 5.77 -9.60
N ILE D 86 22.21 5.59 -10.91
CA ILE D 86 21.52 4.58 -11.70
C ILE D 86 22.55 3.69 -12.41
N LEU D 87 22.36 2.38 -12.39
CA LEU D 87 23.22 1.43 -13.10
C LEU D 87 22.41 0.79 -14.22
N ALA D 88 22.89 0.86 -15.46
CA ALA D 88 22.08 0.39 -16.58
C ALA D 88 22.93 -0.09 -17.75
N GLN D 89 22.28 -0.51 -18.85
CA GLN D 89 22.90 -1.23 -19.94
C GLN D 89 22.00 -1.25 -21.17
N LYS D 90 22.52 -1.67 -22.33
CA LYS D 90 21.74 -1.55 -23.58
C LYS D 90 20.52 -2.48 -23.69
N LYS D 91 20.71 -3.69 -24.22
CA LYS D 91 19.61 -4.66 -24.40
C LYS D 91 18.41 -4.22 -25.31
N LYS D 92 18.61 -4.29 -26.62
CA LYS D 92 17.56 -3.96 -27.60
C LYS D 92 16.92 -5.21 -28.28
N ASP D 93 17.75 -6.21 -28.59
CA ASP D 93 17.26 -7.58 -28.92
C ASP D 93 16.01 -7.88 -28.08
N VAL D 94 16.12 -7.58 -26.77
CA VAL D 94 15.08 -7.88 -25.78
C VAL D 94 14.02 -6.78 -25.71
N TYR D 95 14.45 -5.52 -25.75
CA TYR D 95 13.54 -4.38 -25.50
C TYR D 95 12.57 -4.08 -26.64
N ARG D 96 12.97 -4.41 -27.86
CA ARG D 96 12.11 -4.36 -29.04
C ARG D 96 10.81 -5.13 -28.77
N ARG D 97 10.88 -6.12 -27.89
CA ARG D 97 9.83 -7.12 -27.73
C ARG D 97 8.94 -6.87 -26.50
N ILE D 98 9.52 -6.40 -25.40
CA ILE D 98 8.72 -5.98 -24.23
C ILE D 98 7.75 -4.95 -24.75
N VAL D 99 8.28 -3.85 -25.27
CA VAL D 99 7.48 -2.72 -25.69
C VAL D 99 6.45 -3.10 -26.78
N GLU D 100 6.79 -4.07 -27.63
CA GLU D 100 5.88 -4.57 -28.65
C GLU D 100 4.50 -4.95 -28.09
N SER D 101 4.46 -5.96 -27.23
CA SER D 101 3.24 -6.32 -26.50
C SER D 101 3.35 -5.78 -25.08
N ASP D 102 2.77 -4.59 -24.88
CA ASP D 102 2.87 -3.76 -23.66
C ASP D 102 2.91 -4.43 -22.28
N VAL D 103 2.66 -5.74 -22.19
CA VAL D 103 2.68 -6.44 -20.90
C VAL D 103 4.12 -6.57 -20.31
N GLY D 104 4.24 -6.44 -18.99
CA GLY D 104 5.53 -6.50 -18.32
C GLY D 104 5.52 -6.84 -16.84
N ASP D 105 4.42 -6.56 -16.14
CA ASP D 105 4.27 -7.01 -14.77
C ASP D 105 3.62 -8.36 -14.92
N SER D 106 3.58 -9.15 -13.85
CA SER D 106 2.75 -10.36 -13.81
C SER D 106 2.62 -10.89 -12.40
N PHE D 107 1.83 -10.22 -11.57
CA PHE D 107 1.48 -10.76 -10.27
C PHE D 107 0.01 -11.12 -10.30
N TYR D 108 -0.53 -11.54 -9.16
CA TYR D 108 -1.90 -11.99 -9.09
C TYR D 108 -2.49 -11.30 -7.89
N ILE D 109 -3.80 -11.03 -7.94
CA ILE D 109 -4.50 -10.41 -6.84
C ILE D 109 -5.89 -11.02 -6.68
N ARG D 110 -6.46 -10.86 -5.48
CA ARG D 110 -7.82 -11.28 -5.20
C ARG D 110 -8.64 -10.09 -4.66
N THR D 111 -9.82 -9.91 -5.23
CA THR D 111 -10.62 -8.71 -4.98
C THR D 111 -11.36 -8.88 -3.68
N HIS D 112 -11.84 -7.79 -3.09
CA HIS D 112 -12.54 -7.83 -1.80
C HIS D 112 -13.50 -6.66 -1.65
N PHE D 113 -14.12 -6.29 -2.78
CA PHE D 113 -15.22 -5.31 -2.80
C PHE D 113 -15.99 -5.41 -4.11
N GLU D 114 -17.00 -4.56 -4.30
CA GLU D 114 -17.78 -4.53 -5.54
C GLU D 114 -17.27 -3.46 -6.50
N TYR D 115 -17.11 -3.85 -7.77
CA TYR D 115 -16.75 -2.89 -8.80
C TYR D 115 -17.56 -3.11 -10.06
N GLU D 116 -17.86 -1.99 -10.71
CA GLU D 116 -18.81 -1.94 -11.78
C GLU D 116 -18.19 -0.98 -12.79
N LYS D 117 -17.86 -1.50 -13.97
CA LYS D 117 -16.99 -0.80 -14.90
C LYS D 117 -17.50 0.57 -15.32
N GLU D 118 -16.61 1.55 -15.36
CA GLU D 118 -16.98 2.86 -15.92
C GLU D 118 -16.40 3.02 -17.33
N SER D 119 -16.49 1.96 -18.14
CA SER D 119 -15.68 1.81 -19.38
C SER D 119 -15.98 0.48 -20.15
N PRO D 120 -16.06 0.52 -21.51
CA PRO D 120 -16.37 -0.76 -22.21
C PRO D 120 -15.41 -1.91 -21.85
N TYR D 121 -14.13 -1.74 -22.16
CA TYR D 121 -13.01 -2.69 -21.87
C TYR D 121 -12.81 -3.04 -20.39
N GLY D 122 -13.54 -2.39 -19.50
CA GLY D 122 -13.36 -2.62 -18.05
C GLY D 122 -13.50 -4.08 -17.66
N LEU D 123 -13.16 -4.41 -16.43
CA LEU D 123 -13.53 -5.70 -15.92
C LEU D 123 -14.28 -5.38 -14.65
N SER D 124 -15.56 -5.73 -14.64
CA SER D 124 -16.34 -5.59 -13.42
C SER D 124 -15.96 -6.78 -12.58
N PHE D 125 -16.18 -6.69 -11.27
CA PHE D 125 -15.95 -7.85 -10.42
C PHE D 125 -16.62 -7.70 -9.08
N ASN D 126 -16.68 -8.78 -8.30
CA ASN D 126 -17.06 -8.70 -6.88
C ASN D 126 -16.18 -9.55 -5.95
N LYS D 127 -16.62 -9.78 -4.72
CA LYS D 127 -15.75 -10.41 -3.73
C LYS D 127 -15.19 -11.76 -4.24
N GLY D 128 -13.87 -11.93 -4.13
CA GLY D 128 -13.25 -13.27 -4.22
C GLY D 128 -12.70 -13.55 -5.59
N GLU D 129 -13.01 -12.64 -6.51
CA GLU D 129 -12.48 -12.78 -7.86
C GLU D 129 -10.97 -12.67 -7.76
N VAL D 130 -10.26 -13.41 -8.61
CA VAL D 130 -8.79 -13.39 -8.65
C VAL D 130 -8.32 -12.93 -10.04
N PHE D 131 -7.36 -12.00 -10.08
CA PHE D 131 -6.84 -11.49 -11.36
C PHE D 131 -5.32 -11.50 -11.41
N ARG D 132 -4.76 -12.19 -12.42
CA ARG D 132 -3.37 -12.05 -12.73
C ARG D 132 -3.22 -10.72 -13.42
N VAL D 133 -2.29 -9.91 -12.90
CA VAL D 133 -2.13 -8.49 -13.28
C VAL D 133 -0.83 -8.29 -14.05
N VAL D 134 -0.86 -7.53 -15.15
CA VAL D 134 0.30 -7.48 -16.05
C VAL D 134 0.77 -6.08 -16.41
N ASP D 135 -0.09 -5.10 -16.20
CA ASP D 135 0.28 -3.69 -16.41
C ASP D 135 -0.12 -2.92 -15.17
N THR D 136 0.64 -1.89 -14.82
CA THR D 136 0.31 -1.06 -13.66
C THR D 136 0.40 0.44 -13.95
N LEU D 137 0.42 0.74 -15.25
CA LEU D 137 0.40 2.09 -15.81
C LEU D 137 -0.28 1.99 -17.16
N TYR D 138 -1.57 1.67 -17.19
CA TYR D 138 -2.24 1.58 -18.48
C TYR D 138 -2.03 2.86 -19.32
N ASN D 139 -1.85 2.70 -20.63
CA ASN D 139 -1.65 3.83 -21.56
C ASN D 139 -0.75 4.90 -20.94
N GLY D 140 0.42 4.45 -20.47
CA GLY D 140 1.47 5.29 -19.94
C GLY D 140 1.09 6.30 -18.86
N LYS D 141 0.02 6.02 -18.10
CA LYS D 141 -0.45 6.94 -17.03
C LYS D 141 -0.91 6.21 -15.74
N LEU D 142 -0.51 6.76 -14.59
CA LEU D 142 -0.91 6.31 -13.26
C LEU D 142 -2.42 6.40 -13.13
N GLY D 143 -3.07 5.24 -13.13
CA GLY D 143 -4.52 5.18 -12.97
C GLY D 143 -5.07 3.77 -13.00
N SER D 144 -4.98 3.13 -14.16
CA SER D 144 -5.57 1.82 -14.32
C SER D 144 -4.54 0.70 -14.56
N TRP D 145 -4.81 -0.46 -13.97
CA TRP D 145 -4.00 -1.68 -14.13
C TRP D 145 -4.62 -2.62 -15.17
N LEU D 146 -3.87 -2.99 -16.19
CA LEU D 146 -4.38 -3.91 -17.20
C LEU D 146 -4.27 -5.32 -16.65
N ALA D 147 -5.43 -5.91 -16.33
CA ALA D 147 -5.53 -7.15 -15.59
C ALA D 147 -6.30 -8.20 -16.38
N ILE D 148 -6.03 -9.47 -16.06
CA ILE D 148 -6.60 -10.63 -16.75
C ILE D 148 -7.35 -11.51 -15.76
N ARG D 149 -8.65 -11.68 -15.97
CA ARG D 149 -9.50 -12.49 -15.06
C ARG D 149 -9.07 -13.95 -15.03
N ILE D 150 -8.92 -14.50 -13.83
CA ILE D 150 -8.65 -15.92 -13.68
C ILE D 150 -9.86 -16.63 -13.11
N GLY D 151 -10.06 -17.89 -13.53
CA GLY D 151 -11.19 -18.68 -13.10
C GLY D 151 -11.03 -20.19 -13.25
N LYS D 152 -12.08 -20.83 -13.77
CA LYS D 152 -12.22 -22.28 -13.74
C LYS D 152 -10.95 -22.98 -14.23
N ASN D 153 -10.36 -23.80 -13.37
CA ASN D 153 -9.12 -24.49 -13.71
C ASN D 153 -7.97 -23.56 -14.12
N HIS D 154 -8.02 -22.34 -13.59
CA HIS D 154 -6.92 -21.37 -13.68
C HIS D 154 -6.71 -20.78 -15.10
N LYS D 155 -7.74 -20.94 -15.94
CA LYS D 155 -7.82 -20.34 -17.26
C LYS D 155 -7.58 -18.86 -17.18
N GLU D 156 -7.36 -18.22 -18.33
CA GLU D 156 -7.28 -16.77 -18.41
C GLU D 156 -8.51 -16.31 -19.20
N VAL D 157 -9.52 -15.84 -18.49
CA VAL D 157 -10.86 -15.63 -19.08
C VAL D 157 -11.08 -14.30 -19.83
N GLU D 158 -10.12 -13.38 -19.80
CA GLU D 158 -10.35 -12.02 -20.28
C GLU D 158 -9.19 -11.06 -20.04
N ARG D 159 -8.98 -10.12 -20.97
CA ARG D 159 -8.12 -8.94 -20.74
C ARG D 159 -9.01 -7.74 -20.48
N GLY D 160 -8.59 -6.87 -19.57
CA GLY D 160 -9.35 -5.65 -19.20
C GLY D 160 -8.61 -4.67 -18.33
N ILE D 161 -9.25 -3.54 -17.99
CA ILE D 161 -8.68 -2.54 -17.07
C ILE D 161 -9.47 -2.49 -15.74
N ILE D 162 -8.73 -2.24 -14.65
CA ILE D 162 -9.30 -2.16 -13.27
C ILE D 162 -8.51 -1.17 -12.41
N PRO D 163 -9.20 -0.48 -11.48
CA PRO D 163 -8.53 0.58 -10.70
C PRO D 163 -7.36 0.12 -9.80
N ASN D 164 -6.19 0.74 -9.93
CA ASN D 164 -5.04 0.44 -9.07
C ASN D 164 -5.31 0.52 -7.56
N LYS D 165 -4.53 -0.25 -6.78
CA LYS D 165 -4.89 -0.54 -5.37
C LYS D 165 -5.15 0.73 -4.55
N ASN D 166 -4.77 1.88 -5.09
CA ASN D 166 -5.02 3.16 -4.45
C ASN D 166 -6.43 3.71 -4.69
N ARG D 167 -7.16 3.08 -5.60
CA ARG D 167 -8.52 3.49 -5.90
C ARG D 167 -9.46 2.40 -5.47
N ALA D 168 -8.99 1.17 -5.58
CA ALA D 168 -9.70 0.03 -5.04
C ALA D 168 -9.71 0.22 -3.54
N GLU D 169 -8.59 0.64 -2.99
CA GLU D 169 -8.58 0.97 -1.58
C GLU D 169 -9.59 2.07 -1.29
N GLN D 170 -9.57 3.19 -2.02
CA GLN D 170 -10.54 4.28 -1.77
C GLN D 170 -11.99 3.79 -1.95
N LEU D 171 -12.33 3.35 -3.15
CA LEU D 171 -13.68 2.86 -3.44
C LEU D 171 -14.19 1.87 -2.41
N ALA D 172 -13.31 1.04 -1.86
CA ALA D 172 -13.75 0.09 -0.85
C ALA D 172 -14.08 0.82 0.43
N SER D 173 -13.25 1.80 0.79
CA SER D 173 -13.49 2.55 2.02
C SER D 173 -14.97 2.78 2.25
N VAL D 174 -15.71 3.25 1.23
CA VAL D 174 -17.15 3.56 1.37
C VAL D 174 -18.12 2.41 1.14
N GLN D 175 -17.64 1.23 0.82
CA GLN D 175 -18.57 0.11 0.65
C GLN D 175 -19.01 -0.50 1.96
N TYR D 176 -20.14 -1.17 1.93
CA TYR D 176 -20.53 -2.04 3.00
C TYR D 176 -21.00 -3.33 2.37
N THR D 177 -20.48 -4.46 2.85
CA THR D 177 -20.83 -5.75 2.30
C THR D 177 -22.30 -6.06 2.63
N LEU D 178 -22.84 -7.08 2.00
CA LEU D 178 -24.24 -7.46 2.14
C LEU D 178 -24.57 -7.96 3.58
N PRO D 179 -25.41 -7.24 4.34
CA PRO D 179 -25.79 -7.72 5.70
C PRO D 179 -26.37 -9.15 5.72
N LYS D 180 -25.80 -10.02 6.56
CA LYS D 180 -26.20 -11.44 6.75
C LYS D 180 -27.67 -11.66 7.16
N THR D 181 -28.22 -12.83 6.84
CA THR D 181 -29.66 -13.18 6.97
C THR D 181 -30.59 -12.08 6.46
N PHE D 218 -9.25 -8.99 3.50
CA PHE D 218 -9.24 -7.69 4.18
C PHE D 218 -8.85 -6.48 3.27
N PRO D 219 -7.57 -6.38 2.80
CA PRO D 219 -7.37 -5.24 1.88
C PRO D 219 -8.25 -5.34 0.62
N ALA D 220 -8.48 -4.21 -0.04
CA ALA D 220 -9.39 -4.14 -1.17
C ALA D 220 -8.91 -4.94 -2.36
N TYR D 221 -7.66 -5.40 -2.28
CA TYR D 221 -6.93 -6.02 -3.36
C TYR D 221 -5.75 -6.67 -2.70
N GLU D 222 -5.92 -7.83 -2.07
CA GLU D 222 -4.79 -8.52 -1.48
C GLU D 222 -4.03 -9.19 -2.58
N ARG D 223 -2.70 -9.20 -2.48
CA ARG D 223 -1.83 -10.02 -3.32
C ARG D 223 -2.06 -11.48 -2.91
N VAL D 224 -1.61 -12.42 -3.74
CA VAL D 224 -1.81 -13.86 -3.48
C VAL D 224 -0.85 -14.61 -4.36
N VAL D 225 -0.48 -15.85 -3.98
CA VAL D 225 0.24 -16.74 -4.88
C VAL D 225 -0.36 -18.14 -4.88
N LEU D 226 -0.06 -18.92 -5.92
CA LEU D 226 -0.53 -20.31 -6.06
C LEU D 226 0.31 -21.30 -5.26
N ARG D 227 -0.17 -21.73 -4.10
CA ARG D 227 0.60 -22.70 -3.30
C ARG D 227 -0.32 -23.68 -2.51
N GLU D 228 0.28 -24.57 -1.71
CA GLU D 228 -0.51 -25.47 -0.82
C GLU D 228 0.20 -25.77 0.51
N ILE D 378 -11.46 -41.28 -3.01
CA ILE D 378 -11.44 -41.31 -4.47
C ILE D 378 -10.16 -40.67 -5.03
N GLN D 379 -9.42 -41.43 -5.84
CA GLN D 379 -8.17 -41.01 -6.50
C GLN D 379 -7.70 -39.55 -6.31
N GLN D 380 -8.60 -38.61 -6.58
CA GLN D 380 -8.28 -37.17 -6.79
C GLN D 380 -7.14 -36.48 -6.00
N GLN D 381 -6.66 -35.38 -6.59
CA GLN D 381 -5.60 -34.55 -6.03
C GLN D 381 -6.21 -33.45 -5.15
N GLN D 382 -5.96 -33.51 -3.86
CA GLN D 382 -6.32 -32.41 -2.97
C GLN D 382 -5.26 -31.33 -3.14
N ASN D 383 -3.99 -31.78 -3.20
CA ASN D 383 -2.83 -30.89 -3.37
C ASN D 383 -2.71 -30.25 -4.75
N GLN D 384 -3.86 -29.97 -5.35
CA GLN D 384 -3.97 -28.98 -6.41
C GLN D 384 -3.60 -27.66 -5.77
N LEU D 385 -3.04 -26.74 -6.58
CA LEU D 385 -2.56 -25.47 -6.08
C LEU D 385 -3.71 -24.50 -5.86
N VAL D 386 -3.88 -24.06 -4.61
CA VAL D 386 -4.96 -23.13 -4.25
C VAL D 386 -4.44 -21.72 -3.92
N TRP D 387 -5.28 -20.72 -4.17
CA TRP D 387 -4.90 -19.31 -4.00
C TRP D 387 -4.79 -18.94 -2.53
N VAL D 388 -3.55 -18.74 -2.10
CA VAL D 388 -3.17 -18.50 -0.74
C VAL D 388 -2.48 -17.14 -0.77
N SER D 389 -2.58 -16.35 0.30
CA SER D 389 -1.95 -15.02 0.32
C SER D 389 -0.55 -15.01 0.93
N GLU D 390 0.13 -13.86 0.80
CA GLU D 390 1.44 -13.54 1.43
C GLU D 390 1.79 -12.09 1.16
S SO4 E . 42.37 -13.22 17.24
O1 SO4 E . 42.66 -13.60 18.62
O2 SO4 E . 41.85 -14.37 16.49
O3 SO4 E . 41.40 -12.12 17.28
O4 SO4 E . 43.61 -12.76 16.60
S SO4 F . 30.83 -13.59 21.96
O1 SO4 F . 32.24 -13.81 22.29
O2 SO4 F . 29.97 -14.30 22.93
O3 SO4 F . 30.52 -12.17 22.03
O4 SO4 F . 30.55 -14.10 20.62
S SO4 G . -14.13 10.69 -22.78
O1 SO4 G . -13.14 11.78 -22.79
O2 SO4 G . -14.34 10.22 -24.16
O3 SO4 G . -13.67 9.55 -21.97
O4 SO4 G . -15.39 11.15 -22.19
S SO4 H . -4.90 13.07 17.01
O1 SO4 H . -3.99 14.06 17.63
O2 SO4 H . -5.17 11.98 17.97
O3 SO4 H . -6.14 13.77 16.63
O4 SO4 H . -4.31 12.43 15.85
S SO4 I . -48.73 12.89 -13.21
O1 SO4 I . -50.00 12.65 -13.90
O2 SO4 I . -48.43 14.32 -13.27
O3 SO4 I . -48.91 12.47 -11.81
O4 SO4 I . -47.61 12.12 -13.81
S SO4 J . 20.28 21.35 -4.73
O1 SO4 J . 19.42 21.04 -5.88
O2 SO4 J . 19.71 20.81 -3.48
O3 SO4 J . 21.64 20.80 -4.89
O4 SO4 J . 20.32 22.81 -4.53
S SO4 K . 3.15 -16.16 -13.29
O1 SO4 K . 4.52 -16.20 -12.77
O2 SO4 K . 2.31 -17.12 -12.59
O3 SO4 K . 2.64 -14.80 -13.08
O4 SO4 K . 3.15 -16.53 -14.72
#